data_6PI8
#
_entry.id   6PI8
#
_cell.length_a   52.371
_cell.length_b   121.060
_cell.length_c   66.556
_cell.angle_alpha   90.00
_cell.angle_beta   109.53
_cell.angle_gamma   90.00
#
_symmetry.space_group_name_H-M   'P 1 21 1'
#
loop_
_entity.id
_entity.type
_entity.pdbx_description
1 polymer 'Acetylpolyamine amidohydrolase'
2 non-polymer 'ACETATE ION'
3 non-polymer 1,2-ETHANEDIOL
4 non-polymer 'ZINC ION'
5 non-polymer 'MAGNESIUM ION'
6 non-polymer 'POTASSIUM ION'
7 water water
#
_entity_poly.entity_id   1
_entity_poly.type   'polypeptide(L)'
_entity_poly.pdbx_seq_one_letter_code
;GPLGSMKTVFSPLHSRRHVKTELDGGLLIEPHEKPSRAETILARVKDQALGEILEPEEFGLGPVKRVHTADYVSFLETCW
DEWVAAGKRGEAIPTFWVGRGMRARLPKDIDGRLGYYSLGADTSISDGTWEAARASANVALTAQKLVAEGERAAFALCRP
PGHHAHADVFGGYCFFNNAAIAAQAFRDQGYGKVAVLDVDFHHGNGTQAIFYDRSDVLTISLHGDPDLVFPHFLGFEDET
GEGDGEAYNLNIVFPPDTPFSIWSQGLEKACERIRTFAPDALVVALGVDTFEEDPISFFKLTSGDYLKLGKRLEQLGLPT
VFTMEGGYDVDAIGVNAVNVMQGFEGKS
;
_entity_poly.pdbx_strand_id   A,B
#
loop_
_chem_comp.id
_chem_comp.type
_chem_comp.name
_chem_comp.formula
ACT non-polymer 'ACETATE ION' 'C2 H3 O2 -1'
EDO non-polymer 1,2-ETHANEDIOL 'C2 H6 O2'
K non-polymer 'POTASSIUM ION' 'K 1'
MG non-polymer 'MAGNESIUM ION' 'Mg 2'
ZN non-polymer 'ZINC ION' 'Zn 2'
#
# COMPACT_ATOMS: atom_id res chain seq x y z
N LEU A 3 -19.77 41.72 0.32
CA LEU A 3 -20.36 42.82 1.09
C LEU A 3 -19.99 42.70 2.57
N GLY A 4 -20.28 41.54 3.17
CA GLY A 4 -19.81 41.25 4.50
C GLY A 4 -18.33 40.85 4.51
N SER A 5 -17.76 40.81 5.70
N SER A 5 -17.76 40.81 5.71
CA SER A 5 -16.36 40.51 5.89
CA SER A 5 -16.34 40.52 5.88
C SER A 5 -16.18 39.14 6.54
C SER A 5 -16.16 39.16 6.55
N MET A 6 -15.07 38.49 6.20
CA MET A 6 -14.69 37.22 6.82
C MET A 6 -13.19 37.21 7.04
N LYS A 7 -12.74 36.76 8.21
CA LYS A 7 -11.31 36.69 8.48
C LYS A 7 -10.72 35.40 7.93
N THR A 8 -9.46 35.50 7.50
CA THR A 8 -8.70 34.38 6.94
C THR A 8 -7.47 34.13 7.79
N VAL A 9 -7.23 32.87 8.15
CA VAL A 9 -6.00 32.49 8.84
C VAL A 9 -5.07 31.85 7.82
N PHE A 10 -3.83 32.31 7.79
CA PHE A 10 -2.84 31.83 6.82
C PHE A 10 -1.48 31.77 7.48
N SER A 11 -0.75 30.68 7.23
CA SER A 11 0.62 30.54 7.72
C SER A 11 1.61 30.50 6.57
N PRO A 12 2.61 31.38 6.55
CA PRO A 12 3.67 31.26 5.53
C PRO A 12 4.51 30.00 5.69
N LEU A 13 4.34 29.25 6.78
CA LEU A 13 5.09 28.02 6.96
C LEU A 13 4.61 26.91 6.03
N HIS A 14 3.49 27.10 5.34
CA HIS A 14 3.08 26.10 4.36
C HIS A 14 4.16 25.86 3.32
N SER A 15 4.95 26.89 2.99
CA SER A 15 5.97 26.72 1.96
C SER A 15 7.11 25.80 2.40
N ARG A 16 7.18 25.44 3.69
CA ARG A 16 8.15 24.45 4.13
C ARG A 16 7.90 23.09 3.50
N ARG A 17 6.66 22.82 3.06
CA ARG A 17 6.38 21.60 2.32
C ARG A 17 6.36 21.93 0.84
N HIS A 18 7.41 21.51 0.13
CA HIS A 18 7.59 21.81 -1.27
C HIS A 18 8.29 20.59 -1.89
N VAL A 19 7.56 19.48 -1.97
CA VAL A 19 8.13 18.24 -2.46
C VAL A 19 8.27 18.28 -3.98
N LYS A 20 9.20 17.48 -4.48
CA LYS A 20 9.54 17.50 -5.90
C LYS A 20 8.93 16.35 -6.68
N THR A 21 8.53 15.26 -6.03
CA THR A 21 8.08 14.08 -6.75
C THR A 21 6.75 13.59 -6.20
N GLU A 22 5.92 13.10 -7.11
CA GLU A 22 4.66 12.44 -6.78
C GLU A 22 4.52 11.23 -7.70
N LEU A 23 4.29 10.05 -7.11
CA LEU A 23 4.09 8.85 -7.90
C LEU A 23 2.71 8.92 -8.56
N ASP A 24 2.67 8.79 -9.89
CA ASP A 24 1.42 8.95 -10.64
C ASP A 24 1.51 8.17 -11.93
N GLY A 25 0.62 7.20 -12.11
CA GLY A 25 0.63 6.38 -13.32
C GLY A 25 1.93 5.69 -13.61
N GLY A 26 2.64 5.24 -12.57
CA GLY A 26 3.88 4.55 -12.75
C GLY A 26 5.09 5.44 -12.96
N LEU A 27 4.93 6.75 -12.84
CA LEU A 27 5.99 7.71 -13.07
C LEU A 27 6.11 8.64 -11.86
N LEU A 28 7.26 9.28 -11.71
CA LEU A 28 7.45 10.31 -10.69
C LEU A 28 7.26 11.66 -11.38
N ILE A 29 6.17 12.35 -11.04
CA ILE A 29 5.76 13.56 -11.73
C ILE A 29 5.85 14.76 -10.77
N GLU A 30 5.70 15.96 -11.34
CA GLU A 30 5.56 17.16 -10.53
C GLU A 30 4.31 17.08 -9.68
N PRO A 31 4.39 17.35 -8.36
CA PRO A 31 3.21 17.17 -7.50
C PRO A 31 2.07 18.13 -7.82
N HIS A 32 0.85 17.62 -7.65
CA HIS A 32 -0.33 18.46 -7.83
C HIS A 32 -0.52 19.45 -6.68
N GLU A 33 -0.23 19.00 -5.45
CA GLU A 33 -0.56 19.78 -4.26
C GLU A 33 0.62 20.71 -3.96
N LYS A 34 0.67 21.82 -4.70
CA LYS A 34 1.87 22.66 -4.76
C LYS A 34 1.67 23.98 -4.03
N PRO A 35 2.76 24.62 -3.60
CA PRO A 35 2.62 25.85 -2.78
C PRO A 35 1.88 26.97 -3.47
N SER A 36 1.92 27.06 -4.80
CA SER A 36 1.21 28.15 -5.46
C SER A 36 -0.30 28.06 -5.29
N ARG A 37 -0.83 26.89 -4.91
CA ARG A 37 -2.25 26.81 -4.59
C ARG A 37 -2.60 27.76 -3.46
N ALA A 38 -1.86 27.69 -2.37
CA ALA A 38 -2.15 28.54 -1.21
C ALA A 38 -1.84 29.99 -1.51
N GLU A 39 -0.77 30.24 -2.27
CA GLU A 39 -0.38 31.62 -2.55
C GLU A 39 -1.39 32.30 -3.47
N THR A 40 -1.95 31.55 -4.42
CA THR A 40 -2.94 32.11 -5.33
C THR A 40 -4.23 32.45 -4.59
N ILE A 41 -4.68 31.58 -3.67
CA ILE A 41 -5.86 31.89 -2.87
C ILE A 41 -5.60 33.13 -2.02
N LEU A 42 -4.46 33.18 -1.34
CA LEU A 42 -4.15 34.31 -0.46
C LEU A 42 -4.15 35.62 -1.25
N ALA A 43 -3.54 35.61 -2.43
CA ALA A 43 -3.51 36.81 -3.26
C ALA A 43 -4.91 37.27 -3.59
N ARG A 44 -5.83 36.34 -3.86
CA ARG A 44 -7.20 36.75 -4.17
C ARG A 44 -7.94 37.23 -2.93
N VAL A 45 -7.67 36.63 -1.76
CA VAL A 45 -8.23 37.14 -0.51
C VAL A 45 -7.85 38.60 -0.31
N LYS A 46 -6.59 38.94 -0.58
CA LYS A 46 -6.15 40.32 -0.43
C LYS A 46 -6.76 41.22 -1.49
N ASP A 47 -6.78 40.74 -2.73
CA ASP A 47 -7.29 41.54 -3.85
C ASP A 47 -8.74 41.90 -3.65
N GLN A 48 -9.53 40.99 -3.10
CA GLN A 48 -10.95 41.19 -2.89
C GLN A 48 -11.26 41.85 -1.55
N ALA A 49 -10.24 42.09 -0.73
CA ALA A 49 -10.42 42.67 0.60
C ALA A 49 -11.48 41.88 1.38
N LEU A 50 -11.34 40.56 1.38
CA LEU A 50 -12.33 39.71 2.03
C LEU A 50 -12.46 40.07 3.51
N GLY A 51 -11.35 40.35 4.16
CA GLY A 51 -11.32 40.61 5.58
C GLY A 51 -9.90 40.54 6.09
N GLU A 52 -9.78 40.70 7.41
CA GLU A 52 -8.47 40.65 8.04
C GLU A 52 -7.80 39.29 7.80
N ILE A 53 -6.49 39.31 7.61
CA ILE A 53 -5.68 38.10 7.46
C ILE A 53 -4.78 37.98 8.68
N LEU A 54 -4.83 36.82 9.33
CA LEU A 54 -4.12 36.55 10.57
C LEU A 54 -3.17 35.37 10.40
N GLU A 55 -2.02 35.43 11.09
CA GLU A 55 -1.20 34.24 11.25
C GLU A 55 -1.78 33.36 12.37
N PRO A 56 -1.50 32.07 12.34
CA PRO A 56 -2.02 31.19 13.40
C PRO A 56 -1.29 31.39 14.71
N GLU A 57 -1.99 31.05 15.78
CA GLU A 57 -1.40 30.88 17.10
C GLU A 57 -0.87 29.45 17.22
N GLU A 58 0.09 29.25 18.13
CA GLU A 58 0.64 27.93 18.37
C GLU A 58 -0.15 27.28 19.50
N PHE A 59 -0.93 26.26 19.16
CA PHE A 59 -1.73 25.56 20.17
C PHE A 59 -1.02 24.35 20.74
N GLY A 60 0.10 23.95 20.15
CA GLY A 60 0.77 22.74 20.58
C GLY A 60 0.04 21.50 20.09
N LEU A 61 0.54 20.34 20.54
CA LEU A 61 0.05 19.06 20.03
C LEU A 61 -1.16 18.53 20.78
N GLY A 62 -1.56 19.16 21.89
CA GLY A 62 -2.74 18.72 22.62
C GLY A 62 -3.98 18.55 21.75
N PRO A 63 -4.41 19.62 21.10
CA PRO A 63 -5.61 19.51 20.25
C PRO A 63 -5.44 18.57 19.07
N VAL A 64 -4.22 18.41 18.55
CA VAL A 64 -3.98 17.45 17.48
C VAL A 64 -4.13 16.02 18.00
N LYS A 65 -3.64 15.75 19.20
CA LYS A 65 -3.73 14.41 19.76
C LYS A 65 -5.12 14.08 20.30
N ARG A 66 -6.05 15.03 20.29
CA ARG A 66 -7.45 14.69 20.53
C ARG A 66 -8.04 13.91 19.36
N VAL A 67 -7.35 13.92 18.22
CA VAL A 67 -7.81 13.27 17.00
C VAL A 67 -6.84 12.18 16.56
N HIS A 68 -5.55 12.44 16.65
CA HIS A 68 -4.53 11.58 16.10
C HIS A 68 -3.80 10.85 17.21
N THR A 69 -3.33 9.64 16.92
CA THR A 69 -2.65 8.85 17.94
C THR A 69 -1.25 9.40 18.21
N ALA A 70 -0.78 9.17 19.44
CA ALA A 70 0.54 9.66 19.82
C ALA A 70 1.62 9.02 18.98
N ASP A 71 1.49 7.71 18.70
CA ASP A 71 2.50 7.03 17.90
C ASP A 71 2.58 7.61 16.49
N TYR A 72 1.42 7.97 15.91
CA TYR A 72 1.41 8.55 14.57
C TYR A 72 2.05 9.93 14.56
N VAL A 73 1.71 10.75 15.54
CA VAL A 73 2.28 12.10 15.63
C VAL A 73 3.79 12.02 15.81
N SER A 74 4.26 11.07 16.61
CA SER A 74 5.70 10.89 16.76
C SER A 74 6.35 10.48 15.45
N PHE A 75 5.72 9.53 14.74
CA PHE A 75 6.24 9.09 13.45
C PHE A 75 6.41 10.26 12.49
N LEU A 76 5.43 11.16 12.42
CA LEU A 76 5.53 12.23 11.43
C LEU A 76 6.69 13.16 11.75
N GLU A 77 7.02 13.31 13.03
CA GLU A 77 8.10 14.22 13.40
C GLU A 77 9.47 13.66 13.01
N THR A 78 9.66 12.34 13.11
CA THR A 78 10.97 11.75 12.90
C THR A 78 11.16 11.08 11.54
N CYS A 79 10.10 10.90 10.74
CA CYS A 79 10.18 10.06 9.54
CA CYS A 79 10.21 10.04 9.56
C CYS A 79 11.28 10.54 8.60
N TRP A 80 11.31 11.85 8.30
CA TRP A 80 12.28 12.32 7.30
C TRP A 80 13.71 12.09 7.79
N ASP A 81 13.98 12.43 9.05
CA ASP A 81 15.33 12.23 9.60
C ASP A 81 15.72 10.75 9.56
N GLU A 82 14.79 9.87 9.93
CA GLU A 82 15.09 8.44 9.91
C GLU A 82 15.31 7.94 8.49
N TRP A 83 14.53 8.48 7.53
CA TRP A 83 14.68 8.10 6.13
C TRP A 83 16.07 8.44 5.61
N VAL A 84 16.53 9.67 5.89
CA VAL A 84 17.84 10.09 5.39
C VAL A 84 18.94 9.30 6.08
N ALA A 85 18.80 9.07 7.38
CA ALA A 85 19.82 8.31 8.11
C ALA A 85 19.91 6.86 7.64
N ALA A 86 18.81 6.31 7.13
CA ALA A 86 18.82 4.95 6.60
C ALA A 86 19.43 4.86 5.21
N GLY A 87 19.83 5.99 4.62
CA GLY A 87 20.53 5.99 3.35
C GLY A 87 19.70 6.15 2.10
N LYS A 88 18.39 6.41 2.23
CA LYS A 88 17.56 6.57 1.05
C LYS A 88 17.88 7.88 0.34
N ARG A 89 17.82 7.84 -0.98
CA ARG A 89 18.23 8.98 -1.80
C ARG A 89 17.07 9.80 -2.34
N GLY A 90 15.87 9.23 -2.44
CA GLY A 90 14.70 9.97 -2.86
C GLY A 90 13.98 10.62 -1.70
N GLU A 91 12.83 11.21 -2.01
CA GLU A 91 11.90 11.64 -0.98
C GLU A 91 11.26 10.41 -0.34
N ALA A 92 10.68 10.58 0.83
CA ALA A 92 10.19 9.43 1.59
C ALA A 92 8.83 8.98 1.04
N ILE A 93 8.82 7.81 0.43
CA ILE A 93 7.66 7.24 -0.26
C ILE A 93 7.54 5.80 0.19
N PRO A 94 6.36 5.32 0.59
CA PRO A 94 6.24 3.91 1.00
C PRO A 94 6.42 2.98 -0.20
N THR A 95 7.12 1.88 0.05
CA THR A 95 7.28 0.80 -0.92
C THR A 95 6.43 -0.43 -0.58
N PHE A 96 6.18 -0.67 0.71
CA PHE A 96 5.44 -1.84 1.17
C PHE A 96 4.46 -1.40 2.23
N TRP A 97 3.40 -2.18 2.40
CA TRP A 97 2.35 -1.82 3.33
C TRP A 97 1.71 -3.09 3.87
N VAL A 98 0.71 -2.91 4.73
CA VAL A 98 0.00 -4.06 5.31
C VAL A 98 -1.00 -4.57 4.28
N GLY A 99 -0.57 -5.55 3.48
CA GLY A 99 -1.47 -6.16 2.53
C GLY A 99 -2.57 -6.95 3.21
N ARG A 100 -3.62 -7.23 2.45
CA ARG A 100 -4.70 -8.06 2.97
C ARG A 100 -4.14 -9.43 3.34
N GLY A 101 -4.37 -9.85 4.59
CA GLY A 101 -3.84 -11.10 5.09
C GLY A 101 -2.59 -10.96 5.94
N MET A 102 -2.03 -9.77 6.06
CA MET A 102 -0.87 -9.51 6.91
C MET A 102 -1.33 -8.90 8.24
N ARG A 103 -0.38 -8.80 9.17
CA ARG A 103 -0.68 -8.30 10.52
C ARG A 103 -0.54 -6.79 10.59
N ALA A 104 -1.49 -6.15 11.28
CA ALA A 104 -1.36 -4.73 11.61
C ALA A 104 -0.43 -4.60 12.82
N ARG A 105 0.85 -4.88 12.58
CA ARG A 105 1.87 -4.85 13.63
C ARG A 105 2.92 -3.83 13.27
N LEU A 106 3.24 -2.94 14.20
CA LEU A 106 4.18 -1.85 13.93
C LEU A 106 5.61 -2.39 13.93
N PRO A 107 6.36 -2.23 12.83
CA PRO A 107 7.73 -2.75 12.75
C PRO A 107 8.75 -1.69 13.15
N LYS A 108 9.99 -2.14 13.35
CA LYS A 108 11.06 -1.21 13.68
C LYS A 108 11.52 -0.41 12.47
N ASP A 109 11.56 -1.04 11.30
CA ASP A 109 12.15 -0.46 10.09
C ASP A 109 11.38 0.78 9.60
N ILE A 110 12.11 1.79 9.12
CA ILE A 110 11.46 3.02 8.66
C ILE A 110 10.56 2.76 7.44
N ASP A 111 11.03 1.96 6.47
CA ASP A 111 10.16 1.61 5.33
C ASP A 111 8.89 0.93 5.82
N GLY A 112 9.03 0.02 6.78
CA GLY A 112 7.87 -0.68 7.32
C GLY A 112 6.90 0.27 8.00
N ARG A 113 7.43 1.23 8.76
CA ARG A 113 6.54 2.17 9.44
C ARG A 113 5.90 3.13 8.43
N LEU A 114 6.64 3.52 7.39
CA LEU A 114 6.06 4.35 6.34
C LEU A 114 4.83 3.69 5.76
N GLY A 115 4.90 2.39 5.48
CA GLY A 115 3.76 1.71 4.91
C GLY A 115 2.64 1.50 5.92
N TYR A 116 3.00 1.17 7.17
CA TYR A 116 2.00 0.99 8.21
C TYR A 116 1.13 2.23 8.37
N TYR A 117 1.73 3.41 8.27
CA TYR A 117 1.03 4.66 8.53
C TYR A 117 0.47 5.31 7.28
N SER A 118 0.44 4.63 6.14
CA SER A 118 -0.02 5.29 4.92
C SER A 118 -1.12 4.51 4.23
N LEU A 119 -1.84 5.22 3.37
CA LEU A 119 -2.81 4.58 2.49
C LEU A 119 -2.47 4.78 1.02
N GLY A 120 -1.36 5.42 0.71
CA GLY A 120 -1.01 5.61 -0.69
C GLY A 120 0.41 6.07 -0.78
N ALA A 121 0.92 6.02 -2.01
CA ALA A 121 2.32 6.33 -2.28
C ALA A 121 2.48 7.65 -3.02
N ASP A 122 1.44 8.47 -3.11
CA ASP A 122 1.49 9.70 -3.87
C ASP A 122 1.77 10.93 -3.00
N THR A 123 2.06 10.72 -1.71
CA THR A 123 2.20 11.80 -0.74
C THR A 123 3.60 11.75 -0.16
N SER A 124 4.57 12.20 -0.95
CA SER A 124 5.96 12.16 -0.54
C SER A 124 6.16 12.99 0.73
N ILE A 125 7.08 12.53 1.58
CA ILE A 125 7.49 13.27 2.78
C ILE A 125 8.93 13.72 2.57
N SER A 126 9.22 14.95 2.97
CA SER A 126 10.60 15.48 2.90
C SER A 126 10.79 16.50 4.01
N ASP A 127 11.93 17.20 4.01
CA ASP A 127 12.19 18.18 5.05
C ASP A 127 11.13 19.27 5.03
N GLY A 128 10.65 19.63 6.22
CA GLY A 128 9.65 20.66 6.36
C GLY A 128 8.20 20.19 6.28
N THR A 129 7.98 18.92 5.94
CA THR A 129 6.62 18.40 5.95
C THR A 129 6.02 18.46 7.35
N TRP A 130 6.80 18.07 8.35
CA TRP A 130 6.34 18.15 9.73
C TRP A 130 5.98 19.57 10.13
N GLU A 131 6.84 20.54 9.80
CA GLU A 131 6.58 21.92 10.18
C GLU A 131 5.32 22.46 9.51
N ALA A 132 5.14 22.15 8.22
CA ALA A 132 3.99 22.67 7.50
C ALA A 132 2.69 22.02 7.98
N ALA A 133 2.73 20.71 8.28
CA ALA A 133 1.52 20.04 8.77
C ALA A 133 1.12 20.57 10.14
N ARG A 134 2.10 20.81 11.04
CA ARG A 134 1.79 21.44 12.31
C ARG A 134 1.19 22.82 12.12
N ALA A 135 1.76 23.61 11.20
CA ALA A 135 1.23 24.95 10.95
C ALA A 135 -0.21 24.89 10.43
N SER A 136 -0.49 23.94 9.53
CA SER A 136 -1.82 23.83 8.96
C SER A 136 -2.86 23.48 10.02
N ALA A 137 -2.52 22.59 10.96
CA ALA A 137 -3.45 22.31 12.05
C ALA A 137 -3.68 23.56 12.90
N ASN A 138 -2.63 24.32 13.16
CA ASN A 138 -2.78 25.56 13.92
C ASN A 138 -3.62 26.59 13.18
N VAL A 139 -3.55 26.62 11.85
CA VAL A 139 -4.43 27.49 11.07
C VAL A 139 -5.89 27.12 11.33
N ALA A 140 -6.21 25.82 11.27
CA ALA A 140 -7.58 25.39 11.54
C ALA A 140 -7.99 25.71 12.97
N LEU A 141 -7.09 25.51 13.94
CA LEU A 141 -7.45 25.76 15.33
C LEU A 141 -7.63 27.24 15.63
N THR A 142 -6.85 28.10 14.96
CA THR A 142 -7.02 29.54 15.10
C THR A 142 -8.33 30.00 14.49
N ALA A 143 -8.71 29.42 13.34
CA ALA A 143 -10.01 29.73 12.76
C ALA A 143 -11.13 29.33 13.70
N GLN A 144 -11.01 28.15 14.33
CA GLN A 144 -12.04 27.70 15.26
C GLN A 144 -12.13 28.64 16.45
N LYS A 145 -10.98 29.11 16.95
CA LYS A 145 -10.98 30.06 18.06
C LYS A 145 -11.69 31.35 17.68
N LEU A 146 -11.43 31.87 16.48
CA LEU A 146 -12.11 33.08 16.02
C LEU A 146 -13.62 32.91 16.06
N VAL A 147 -14.11 31.74 15.64
CA VAL A 147 -15.55 31.52 15.59
C VAL A 147 -16.11 31.34 17.01
N ALA A 148 -15.41 30.56 17.84
CA ALA A 148 -15.84 30.40 19.23
C ALA A 148 -15.90 31.72 19.97
N GLU A 149 -15.03 32.67 19.60
CA GLU A 149 -14.98 33.96 20.28
C GLU A 149 -15.84 35.02 19.62
N GLY A 150 -16.69 34.64 18.67
CA GLY A 150 -17.71 35.57 18.21
C GLY A 150 -17.91 35.72 16.71
N GLU A 151 -16.90 35.39 15.91
CA GLU A 151 -17.07 35.50 14.46
C GLU A 151 -18.12 34.52 13.96
N ARG A 152 -18.92 34.94 12.98
CA ARG A 152 -19.87 34.04 12.35
C ARG A 152 -19.15 32.90 11.65
N ALA A 153 -18.04 33.21 10.99
CA ALA A 153 -17.32 32.25 10.17
C ALA A 153 -15.87 32.70 10.05
N ALA A 154 -15.01 31.74 9.71
CA ALA A 154 -13.62 32.07 9.44
C ALA A 154 -13.09 31.10 8.40
N PHE A 155 -12.10 31.55 7.64
CA PHE A 155 -11.51 30.76 6.56
C PHE A 155 -10.12 30.31 7.01
N ALA A 156 -9.98 29.00 7.25
CA ALA A 156 -8.67 28.40 7.53
C ALA A 156 -8.03 28.01 6.21
N LEU A 157 -7.06 28.82 5.76
CA LEU A 157 -6.37 28.57 4.49
C LEU A 157 -5.24 27.57 4.74
N CYS A 158 -5.64 26.31 4.94
CA CYS A 158 -4.75 25.22 5.30
C CYS A 158 -4.01 24.69 4.08
N ARG A 159 -2.73 24.44 4.26
CA ARG A 159 -1.94 23.69 3.30
C ARG A 159 -0.78 23.11 4.08
N PRO A 160 -0.61 21.78 4.15
CA PRO A 160 -1.36 20.71 3.44
C PRO A 160 -2.81 20.54 3.89
N PRO A 161 -3.61 19.95 3.00
CA PRO A 161 -5.01 19.64 3.34
C PRO A 161 -5.10 18.54 4.39
N GLY A 162 -6.32 18.15 4.76
CA GLY A 162 -6.51 17.30 5.92
C GLY A 162 -7.48 16.14 5.84
N HIS A 163 -8.47 16.18 4.96
CA HIS A 163 -9.64 15.30 5.18
C HIS A 163 -9.39 13.83 4.84
N HIS A 164 -8.28 13.46 4.22
CA HIS A 164 -8.02 12.04 3.96
C HIS A 164 -7.25 11.36 5.08
N ALA A 165 -6.79 12.12 6.08
CA ALA A 165 -5.95 11.56 7.14
C ALA A 165 -6.81 10.91 8.22
N HIS A 166 -6.51 9.65 8.54
CA HIS A 166 -7.17 8.97 9.65
C HIS A 166 -6.46 9.33 10.96
N ALA A 167 -6.94 8.75 12.07
CA ALA A 167 -6.28 8.97 13.35
C ALA A 167 -4.80 8.62 13.27
N ASP A 168 -4.43 7.61 12.48
CA ASP A 168 -3.05 7.17 12.37
C ASP A 168 -2.70 6.74 10.95
N VAL A 169 -3.27 7.38 9.94
CA VAL A 169 -2.92 7.10 8.55
C VAL A 169 -2.85 8.42 7.80
N PHE A 170 -1.75 8.63 7.07
CA PHE A 170 -1.64 9.77 6.17
C PHE A 170 -1.82 9.32 4.73
N GLY A 171 -2.24 10.25 3.88
CA GLY A 171 -2.30 9.98 2.46
C GLY A 171 -3.22 10.97 1.78
N GLY A 172 -3.30 10.82 0.46
CA GLY A 172 -4.09 11.78 -0.32
C GLY A 172 -3.70 13.21 -0.08
N TYR A 173 -2.40 13.45 0.11
CA TYR A 173 -1.77 14.75 0.33
C TYR A 173 -2.02 15.28 1.74
N CYS A 174 -2.59 14.48 2.64
CA CYS A 174 -3.02 14.91 3.96
C CYS A 174 -2.21 14.23 5.06
N PHE A 175 -1.98 14.96 6.16
CA PHE A 175 -1.21 14.44 7.29
C PHE A 175 -1.99 14.55 8.60
N PHE A 176 -2.51 15.74 8.91
CA PHE A 176 -3.36 15.95 10.05
C PHE A 176 -4.74 16.36 9.56
N ASN A 177 -5.78 15.82 10.18
CA ASN A 177 -7.13 16.08 9.70
C ASN A 177 -7.61 17.38 10.32
N ASN A 178 -7.33 18.49 9.61
CA ASN A 178 -7.62 19.83 10.12
C ASN A 178 -9.09 20.01 10.44
N ALA A 179 -9.98 19.54 9.56
CA ALA A 179 -11.42 19.63 9.82
C ALA A 179 -11.83 18.85 11.07
N ALA A 180 -11.29 17.63 11.24
CA ALA A 180 -11.61 16.84 12.43
C ALA A 180 -11.06 17.50 13.68
N ILE A 181 -9.85 18.07 13.59
CA ILE A 181 -9.23 18.74 14.73
C ILE A 181 -10.08 19.93 15.15
N ALA A 182 -10.59 20.69 14.16
CA ALA A 182 -11.44 21.83 14.47
C ALA A 182 -12.78 21.38 15.04
N ALA A 183 -13.37 20.32 14.49
CA ALA A 183 -14.64 19.81 15.02
C ALA A 183 -14.49 19.34 16.47
N GLN A 184 -13.43 18.57 16.74
CA GLN A 184 -13.19 18.11 18.10
C GLN A 184 -12.91 19.28 19.05
N ALA A 185 -12.29 20.35 18.54
CA ALA A 185 -12.07 21.52 19.39
C ALA A 185 -13.40 22.18 19.78
N PHE A 186 -14.35 22.27 18.84
CA PHE A 186 -15.69 22.73 19.19
C PHE A 186 -16.31 21.87 20.29
N ARG A 187 -16.24 20.53 20.12
CA ARG A 187 -16.80 19.65 21.15
C ARG A 187 -16.12 19.88 22.49
N ASP A 188 -14.78 19.97 22.49
CA ASP A 188 -14.06 20.10 23.75
C ASP A 188 -14.37 21.42 24.45
N GLN A 189 -14.87 22.42 23.72
CA GLN A 189 -15.22 23.71 24.29
C GLN A 189 -16.71 23.83 24.61
N GLY A 190 -17.43 22.71 24.64
CA GLY A 190 -18.80 22.73 25.10
C GLY A 190 -19.86 22.78 24.02
N TYR A 191 -19.48 22.80 22.75
CA TYR A 191 -20.47 22.68 21.68
C TYR A 191 -20.95 21.22 21.62
N GLY A 192 -22.24 21.01 21.92
CA GLY A 192 -22.72 19.65 22.10
C GLY A 192 -22.71 18.82 20.83
N LYS A 193 -23.06 19.43 19.70
CA LYS A 193 -23.15 18.73 18.44
C LYS A 193 -22.40 19.51 17.37
N VAL A 194 -21.68 18.79 16.50
CA VAL A 194 -20.92 19.42 15.44
C VAL A 194 -21.17 18.64 14.16
N ALA A 195 -21.37 19.36 13.05
CA ALA A 195 -21.48 18.76 11.74
C ALA A 195 -20.23 19.10 10.93
N VAL A 196 -19.70 18.10 10.22
CA VAL A 196 -18.61 18.31 9.28
C VAL A 196 -19.14 17.97 7.89
N LEU A 197 -19.17 18.97 7.01
CA LEU A 197 -19.68 18.85 5.66
C LEU A 197 -18.53 18.97 4.66
N ASP A 198 -18.32 17.91 3.88
CA ASP A 198 -17.16 17.77 2.99
C ASP A 198 -17.63 17.96 1.55
N VAL A 199 -17.40 19.16 1.00
CA VAL A 199 -17.81 19.46 -0.37
C VAL A 199 -16.66 19.34 -1.37
N ASP A 200 -15.47 18.96 -0.90
CA ASP A 200 -14.36 18.59 -1.77
C ASP A 200 -14.81 17.47 -2.70
N PHE A 201 -14.23 17.43 -3.91
CA PHE A 201 -14.59 16.40 -4.88
C PHE A 201 -14.39 14.98 -4.34
N HIS A 202 -13.43 14.78 -3.44
CA HIS A 202 -13.10 13.46 -2.94
C HIS A 202 -13.79 13.20 -1.61
N HIS A 203 -13.99 11.92 -1.32
CA HIS A 203 -14.53 11.52 -0.04
C HIS A 203 -13.61 11.92 1.10
N GLY A 204 -14.17 12.52 2.15
CA GLY A 204 -13.42 12.71 3.37
C GLY A 204 -13.30 11.44 4.19
N ASN A 205 -12.51 10.48 3.70
CA ASN A 205 -12.44 9.17 4.36
C ASN A 205 -11.85 9.29 5.77
N GLY A 206 -10.89 10.18 5.96
CA GLY A 206 -10.29 10.30 7.30
C GLY A 206 -11.29 10.82 8.30
N THR A 207 -12.03 11.87 7.93
CA THR A 207 -13.05 12.42 8.81
C THR A 207 -14.11 11.39 9.11
N GLN A 208 -14.57 10.65 8.08
CA GLN A 208 -15.54 9.58 8.31
C GLN A 208 -15.01 8.58 9.33
N ALA A 209 -13.77 8.13 9.15
CA ALA A 209 -13.23 7.10 10.04
C ALA A 209 -13.08 7.61 11.47
N ILE A 210 -12.70 8.87 11.62
CA ILE A 210 -12.40 9.37 12.97
C ILE A 210 -13.67 9.42 13.82
N PHE A 211 -14.80 9.81 13.23
CA PHE A 211 -16.05 9.92 13.98
C PHE A 211 -17.04 8.79 13.71
N TYR A 212 -16.59 7.69 13.11
CA TYR A 212 -17.54 6.73 12.54
C TYR A 212 -18.44 6.10 13.58
N ASP A 213 -17.95 5.90 14.81
CA ASP A 213 -18.77 5.25 15.82
C ASP A 213 -19.41 6.25 16.77
N ARG A 214 -19.51 7.51 16.36
CA ARG A 214 -19.95 8.59 17.22
C ARG A 214 -21.19 9.27 16.65
N SER A 215 -22.09 9.69 17.54
CA SER A 215 -23.29 10.41 17.14
C SER A 215 -23.24 11.90 17.47
N ASP A 216 -22.21 12.35 18.19
CA ASP A 216 -22.08 13.77 18.52
C ASP A 216 -21.46 14.58 17.39
N VAL A 217 -20.85 13.93 16.40
CA VAL A 217 -20.27 14.60 15.24
C VAL A 217 -20.87 13.93 14.00
N LEU A 218 -21.70 14.67 13.28
CA LEU A 218 -22.31 14.21 12.04
C LEU A 218 -21.34 14.47 10.89
N THR A 219 -20.99 13.44 10.12
CA THR A 219 -20.09 13.61 8.99
C THR A 219 -20.84 13.35 7.70
N ILE A 220 -20.79 14.30 6.77
CA ILE A 220 -21.43 14.20 5.46
C ILE A 220 -20.39 14.55 4.40
N SER A 221 -20.34 13.78 3.32
CA SER A 221 -19.46 14.09 2.21
C SER A 221 -20.23 13.89 0.90
N LEU A 222 -20.12 14.87 0.01
CA LEU A 222 -20.45 14.72 -1.41
C LEU A 222 -19.14 14.46 -2.16
N HIS A 223 -19.15 13.53 -3.10
CA HIS A 223 -17.88 13.21 -3.76
C HIS A 223 -18.11 12.35 -5.00
N GLY A 224 -17.03 12.24 -5.79
CA GLY A 224 -17.05 11.31 -6.91
C GLY A 224 -17.08 9.86 -6.43
N ASP A 225 -17.78 9.02 -7.20
CA ASP A 225 -17.96 7.60 -6.91
C ASP A 225 -16.62 6.92 -6.61
N PRO A 226 -16.42 6.38 -5.40
CA PRO A 226 -15.12 5.75 -5.09
C PRO A 226 -14.87 4.48 -5.89
N ASP A 227 -15.89 3.89 -6.52
CA ASP A 227 -15.59 2.82 -7.46
C ASP A 227 -14.67 3.30 -8.58
N LEU A 228 -14.66 4.61 -8.83
CA LEU A 228 -13.96 5.18 -9.96
C LEU A 228 -12.79 6.09 -9.60
N VAL A 229 -12.66 6.54 -8.34
CA VAL A 229 -11.65 7.53 -7.96
CA VAL A 229 -11.66 7.54 -7.97
C VAL A 229 -11.25 7.32 -6.52
N PHE A 230 -10.08 7.85 -6.17
CA PHE A 230 -9.64 7.89 -4.79
C PHE A 230 -10.75 8.44 -3.89
N PRO A 231 -10.96 7.86 -2.69
CA PRO A 231 -10.09 6.88 -2.03
C PRO A 231 -10.39 5.38 -2.24
N HIS A 232 -11.33 5.05 -3.13
CA HIS A 232 -11.64 3.69 -3.59
C HIS A 232 -12.23 2.74 -2.56
N PHE A 233 -11.76 2.77 -1.31
CA PHE A 233 -12.11 1.72 -0.34
C PHE A 233 -12.95 2.23 0.81
N LEU A 234 -13.40 3.48 0.73
CA LEU A 234 -14.40 4.08 1.59
C LEU A 234 -15.14 5.11 0.76
N GLY A 235 -16.26 5.59 1.28
CA GLY A 235 -17.04 6.63 0.60
C GLY A 235 -18.31 6.13 -0.04
N PHE A 236 -18.65 4.86 0.12
CA PHE A 236 -19.85 4.35 -0.53
C PHE A 236 -21.09 4.73 0.26
N GLU A 237 -22.22 4.78 -0.46
CA GLU A 237 -23.46 5.26 0.15
C GLU A 237 -23.97 4.32 1.24
N ASP A 238 -23.54 3.06 1.25
CA ASP A 238 -23.99 2.13 2.28
C ASP A 238 -23.23 2.29 3.60
N GLU A 239 -22.28 3.22 3.69
CA GLU A 239 -21.53 3.44 4.92
C GLU A 239 -22.27 4.49 5.73
N THR A 240 -23.10 4.05 6.67
CA THR A 240 -23.94 4.98 7.42
C THR A 240 -23.53 5.10 8.88
N GLY A 241 -22.40 4.54 9.27
CA GLY A 241 -21.94 4.60 10.64
C GLY A 241 -21.92 3.22 11.28
N GLU A 242 -21.34 3.19 12.48
N GLU A 242 -21.34 3.17 12.47
CA GLU A 242 -21.19 1.95 13.25
CA GLU A 242 -21.28 1.93 13.21
C GLU A 242 -21.64 2.19 14.69
C GLU A 242 -21.64 2.18 14.67
N GLY A 243 -22.33 1.20 15.25
CA GLY A 243 -22.72 1.29 16.65
C GLY A 243 -23.60 2.49 16.91
N ASP A 244 -23.22 3.28 17.91
CA ASP A 244 -23.94 4.50 18.22
C ASP A 244 -23.81 5.54 17.11
N GLY A 245 -22.85 5.37 16.21
CA GLY A 245 -22.73 6.26 15.07
C GLY A 245 -23.63 5.93 13.89
N GLU A 246 -24.41 4.86 13.98
CA GLU A 246 -25.34 4.50 12.92
C GLU A 246 -26.31 5.65 12.66
N ALA A 247 -26.43 6.05 11.39
CA ALA A 247 -27.21 7.19 10.86
C ALA A 247 -26.53 8.54 11.08
N TYR A 248 -25.26 8.57 11.50
CA TYR A 248 -24.57 9.84 11.67
C TYR A 248 -23.38 9.97 10.73
N ASN A 249 -23.38 9.20 9.65
CA ASN A 249 -22.48 9.40 8.51
C ASN A 249 -23.30 9.29 7.24
N LEU A 250 -23.09 10.22 6.30
CA LEU A 250 -23.86 10.23 5.06
C LEU A 250 -22.94 10.52 3.90
N ASN A 251 -22.81 9.55 2.99
CA ASN A 251 -22.04 9.72 1.76
C ASN A 251 -23.01 9.90 0.60
N ILE A 252 -22.75 10.92 -0.22
CA ILE A 252 -23.56 11.21 -1.40
C ILE A 252 -22.63 11.19 -2.60
N VAL A 253 -22.87 10.27 -3.53
CA VAL A 253 -21.93 9.92 -4.58
C VAL A 253 -22.46 10.39 -5.94
N PHE A 254 -21.57 10.88 -6.80
CA PHE A 254 -21.93 11.29 -8.15
C PHE A 254 -20.97 10.75 -9.19
N PRO A 255 -21.46 10.55 -10.42
CA PRO A 255 -20.62 10.00 -11.49
C PRO A 255 -19.87 11.07 -12.26
N PRO A 256 -19.03 10.68 -13.22
CA PRO A 256 -18.35 11.68 -14.06
C PRO A 256 -19.33 12.59 -14.76
N ASP A 257 -18.88 13.84 -15.00
CA ASP A 257 -19.57 14.90 -15.73
C ASP A 257 -20.68 15.58 -14.92
N THR A 258 -20.81 15.31 -13.62
CA THR A 258 -21.90 15.86 -12.84
C THR A 258 -21.77 17.37 -12.74
N PRO A 259 -22.79 18.14 -13.14
CA PRO A 259 -22.76 19.59 -13.02
C PRO A 259 -23.43 20.08 -11.75
N PHE A 260 -23.37 21.40 -11.49
CA PHE A 260 -23.93 21.96 -10.27
C PHE A 260 -25.44 21.73 -10.18
N SER A 261 -26.14 21.73 -11.30
CA SER A 261 -27.59 21.55 -11.25
C SER A 261 -27.97 20.20 -10.65
N ILE A 262 -27.09 19.21 -10.73
CA ILE A 262 -27.30 17.90 -10.12
C ILE A 262 -26.62 17.81 -8.77
N TRP A 263 -25.36 18.25 -8.69
CA TRP A 263 -24.61 18.23 -7.44
C TRP A 263 -25.34 19.00 -6.34
N SER A 264 -25.95 20.15 -6.69
CA SER A 264 -26.64 20.94 -5.69
C SER A 264 -27.88 20.23 -5.14
N GLN A 265 -28.42 19.23 -5.85
CA GLN A 265 -29.48 18.41 -5.26
C GLN A 265 -28.94 17.58 -4.12
N GLY A 266 -27.73 17.05 -4.27
CA GLY A 266 -27.08 16.38 -3.16
C GLY A 266 -26.75 17.34 -2.04
N LEU A 267 -26.29 18.54 -2.39
CA LEU A 267 -26.05 19.57 -1.37
C LEU A 267 -27.32 19.82 -0.57
N GLU A 268 -28.47 19.84 -1.24
CA GLU A 268 -29.72 20.08 -0.52
C GLU A 268 -30.03 18.94 0.43
N LYS A 269 -29.80 17.69 0.01
N LYS A 269 -29.80 17.69 0.01
CA LYS A 269 -30.02 16.56 0.91
CA LYS A 269 -30.02 16.56 0.91
C LYS A 269 -29.12 16.65 2.14
C LYS A 269 -29.11 16.65 2.14
N ALA A 270 -27.86 17.08 1.94
CA ALA A 270 -26.96 17.25 3.07
C ALA A 270 -27.46 18.35 4.00
N CYS A 271 -27.94 19.45 3.42
CA CYS A 271 -28.42 20.55 4.25
C CYS A 271 -29.65 20.16 5.04
N GLU A 272 -30.50 19.31 4.46
CA GLU A 272 -31.67 18.84 5.21
C GLU A 272 -31.26 17.92 6.35
N ARG A 273 -30.26 17.07 6.13
CA ARG A 273 -29.76 16.23 7.21
CA ARG A 273 -29.76 16.23 7.21
C ARG A 273 -29.16 17.08 8.33
N ILE A 274 -28.46 18.16 7.95
CA ILE A 274 -27.88 19.05 8.95
C ILE A 274 -28.97 19.76 9.74
N ARG A 275 -30.04 20.17 9.06
CA ARG A 275 -31.15 20.85 9.72
C ARG A 275 -31.78 19.97 10.80
N THR A 276 -32.02 18.70 10.49
CA THR A 276 -32.63 17.83 11.50
C THR A 276 -31.63 17.44 12.59
N PHE A 277 -30.33 17.39 12.28
CA PHE A 277 -29.33 17.15 13.32
C PHE A 277 -29.24 18.34 14.28
N ALA A 278 -29.43 19.55 13.77
CA ALA A 278 -29.38 20.79 14.53
C ALA A 278 -28.07 20.92 15.30
N PRO A 279 -26.93 21.05 14.62
CA PRO A 279 -25.65 21.15 15.31
C PRO A 279 -25.45 22.53 15.93
N ASP A 280 -24.48 22.59 16.83
CA ASP A 280 -24.07 23.85 17.44
C ASP A 280 -22.96 24.54 16.67
N ALA A 281 -22.28 23.84 15.76
CA ALA A 281 -21.21 24.41 14.96
C ALA A 281 -21.10 23.58 13.69
N LEU A 282 -20.55 24.20 12.66
CA LEU A 282 -20.37 23.58 11.35
C LEU A 282 -18.92 23.75 10.91
N VAL A 283 -18.32 22.65 10.45
CA VAL A 283 -17.02 22.71 9.80
C VAL A 283 -17.24 22.28 8.36
N VAL A 284 -16.79 23.09 7.42
CA VAL A 284 -16.90 22.78 5.99
C VAL A 284 -15.49 22.46 5.50
N ALA A 285 -15.28 21.21 5.12
CA ALA A 285 -14.05 20.80 4.43
C ALA A 285 -14.23 21.21 2.98
N LEU A 286 -13.58 22.31 2.60
CA LEU A 286 -13.84 22.95 1.32
C LEU A 286 -12.73 22.60 0.32
N GLY A 287 -13.11 21.87 -0.72
CA GLY A 287 -12.26 21.71 -1.89
C GLY A 287 -12.94 22.33 -3.08
N VAL A 288 -12.14 22.88 -3.98
CA VAL A 288 -12.67 23.37 -5.25
C VAL A 288 -12.18 22.49 -6.40
N ASP A 289 -11.82 21.24 -6.10
CA ASP A 289 -11.53 20.29 -7.16
C ASP A 289 -12.79 19.72 -7.79
N THR A 290 -13.95 20.24 -7.40
CA THR A 290 -15.19 20.00 -8.12
C THR A 290 -15.28 20.81 -9.41
N PHE A 291 -14.27 21.64 -9.66
CA PHE A 291 -14.28 22.57 -10.79
C PHE A 291 -14.15 21.84 -12.12
N GLU A 292 -14.78 22.41 -13.15
CA GLU A 292 -14.84 21.80 -14.48
C GLU A 292 -13.46 21.59 -15.10
N GLU A 293 -12.43 22.34 -14.68
CA GLU A 293 -11.09 22.17 -15.24
C GLU A 293 -10.12 21.50 -14.28
N ASP A 294 -10.60 20.93 -13.17
CA ASP A 294 -9.67 20.32 -12.24
C ASP A 294 -8.94 19.15 -12.91
N PRO A 295 -7.62 19.08 -12.79
CA PRO A 295 -6.86 18.07 -13.55
C PRO A 295 -7.01 16.65 -13.06
N ILE A 296 -7.53 16.39 -11.85
CA ILE A 296 -7.60 15.03 -11.36
C ILE A 296 -9.03 14.61 -11.01
N SER A 297 -10.02 15.43 -11.33
CA SER A 297 -11.38 15.20 -10.87
C SER A 297 -12.35 15.31 -12.05
N PHE A 298 -13.60 14.88 -11.84
CA PHE A 298 -14.49 14.77 -12.99
C PHE A 298 -15.88 15.39 -12.78
N PHE A 299 -16.02 16.41 -11.93
CA PHE A 299 -17.26 17.19 -11.88
C PHE A 299 -17.13 18.43 -12.76
N LYS A 300 -18.24 19.16 -12.91
CA LYS A 300 -18.31 20.25 -13.88
C LYS A 300 -18.88 21.52 -13.27
N LEU A 301 -18.48 21.85 -12.05
CA LEU A 301 -18.89 23.13 -11.49
C LEU A 301 -18.15 24.26 -12.18
N THR A 302 -18.81 25.41 -12.32
CA THR A 302 -18.20 26.61 -12.88
C THR A 302 -17.80 27.56 -11.75
N SER A 303 -17.00 28.58 -12.11
CA SER A 303 -16.56 29.51 -11.07
C SER A 303 -17.75 30.19 -10.39
N GLY A 304 -18.81 30.50 -11.15
CA GLY A 304 -19.96 31.15 -10.57
C GLY A 304 -20.74 30.27 -9.61
N ASP A 305 -20.67 28.95 -9.80
CA ASP A 305 -21.35 28.04 -8.88
C ASP A 305 -20.81 28.13 -7.45
N TYR A 306 -19.55 28.52 -7.28
CA TYR A 306 -19.01 28.61 -5.93
C TYR A 306 -19.64 29.76 -5.16
N LEU A 307 -20.09 30.81 -5.86
CA LEU A 307 -20.88 31.84 -5.20
C LEU A 307 -22.18 31.28 -4.66
N LYS A 308 -22.85 30.43 -5.45
CA LYS A 308 -24.10 29.82 -5.02
C LYS A 308 -23.86 28.85 -3.86
N LEU A 309 -22.75 28.12 -3.90
CA LEU A 309 -22.42 27.23 -2.79
C LEU A 309 -22.26 28.02 -1.50
N GLY A 310 -21.48 29.11 -1.55
CA GLY A 310 -21.29 29.91 -0.37
C GLY A 310 -22.59 30.46 0.18
N LYS A 311 -23.49 30.89 -0.71
CA LYS A 311 -24.76 31.43 -0.26
C LYS A 311 -25.59 30.36 0.44
N ARG A 312 -25.65 29.16 -0.13
CA ARG A 312 -26.44 28.08 0.46
C ARG A 312 -25.90 27.69 1.83
N LEU A 313 -24.57 27.71 1.99
CA LEU A 313 -23.99 27.34 3.27
C LEU A 313 -24.29 28.38 4.34
N GLU A 314 -24.32 29.67 3.95
CA GLU A 314 -24.69 30.71 4.91
C GLU A 314 -26.11 30.49 5.40
N GLN A 315 -27.01 30.03 4.52
CA GLN A 315 -28.41 29.87 4.90
C GLN A 315 -28.63 28.80 5.96
N LEU A 316 -27.64 27.94 6.22
CA LEU A 316 -27.72 27.02 7.35
C LEU A 316 -27.75 27.75 8.69
N GLY A 317 -27.24 28.99 8.74
CA GLY A 317 -27.30 29.80 9.95
C GLY A 317 -26.47 29.29 11.11
N LEU A 318 -25.28 28.77 10.84
CA LEU A 318 -24.47 28.15 11.88
C LEU A 318 -23.12 28.85 12.02
N PRO A 319 -22.52 28.81 13.22
CA PRO A 319 -21.09 29.13 13.32
C PRO A 319 -20.31 28.17 12.44
N THR A 320 -19.48 28.72 11.54
CA THR A 320 -18.90 27.93 10.45
C THR A 320 -17.40 28.17 10.33
N VAL A 321 -16.64 27.07 10.34
CA VAL A 321 -15.22 27.10 10.00
C VAL A 321 -15.05 26.42 8.65
N PHE A 322 -14.42 27.13 7.71
CA PHE A 322 -14.02 26.57 6.42
C PHE A 322 -12.57 26.11 6.52
N THR A 323 -12.29 24.84 6.23
CA THR A 323 -10.91 24.36 6.10
C THR A 323 -10.61 24.06 4.63
N MET A 324 -9.52 24.62 4.12
CA MET A 324 -9.14 24.39 2.73
C MET A 324 -8.63 22.97 2.51
N GLU A 325 -9.21 22.28 1.53
CA GLU A 325 -8.78 20.94 1.17
C GLU A 325 -8.16 20.96 -0.23
N GLY A 326 -8.75 20.27 -1.20
CA GLY A 326 -8.17 20.17 -2.53
C GLY A 326 -8.60 21.30 -3.49
N GLY A 327 -8.20 21.13 -4.75
CA GLY A 327 -8.38 22.10 -5.83
C GLY A 327 -7.06 22.32 -6.55
N TYR A 328 -6.94 21.92 -7.83
CA TYR A 328 -5.62 21.77 -8.44
C TYR A 328 -5.46 22.48 -9.78
N ASP A 329 -6.50 23.16 -10.27
CA ASP A 329 -6.40 24.05 -11.42
C ASP A 329 -5.99 25.41 -10.87
N VAL A 330 -4.67 25.65 -10.82
CA VAL A 330 -4.18 26.78 -10.04
C VAL A 330 -4.64 28.13 -10.59
N ASP A 331 -4.83 28.28 -11.90
CA ASP A 331 -5.10 29.65 -12.35
C ASP A 331 -6.51 30.08 -11.98
N ALA A 332 -7.40 29.15 -11.61
CA ALA A 332 -8.75 29.47 -11.17
C ALA A 332 -8.97 29.28 -9.67
N ILE A 333 -8.00 28.72 -8.94
CA ILE A 333 -8.24 28.31 -7.57
C ILE A 333 -8.54 29.50 -6.67
N GLY A 334 -7.91 30.66 -6.93
CA GLY A 334 -8.19 31.82 -6.11
C GLY A 334 -9.62 32.31 -6.29
N VAL A 335 -10.04 32.51 -7.54
CA VAL A 335 -11.42 32.90 -7.83
C VAL A 335 -12.38 31.89 -7.20
N ASN A 336 -12.13 30.60 -7.42
CA ASN A 336 -13.08 29.58 -6.99
C ASN A 336 -13.22 29.56 -5.47
N ALA A 337 -12.09 29.55 -4.74
CA ALA A 337 -12.16 29.41 -3.29
C ALA A 337 -12.75 30.66 -2.64
N VAL A 338 -12.30 31.84 -3.08
N VAL A 338 -12.31 31.85 -3.02
CA VAL A 338 -12.77 33.08 -2.49
CA VAL A 338 -12.90 32.98 -2.31
C VAL A 338 -14.23 33.33 -2.88
C VAL A 338 -14.24 33.40 -2.90
N ASN A 339 -14.65 32.82 -4.03
CA ASN A 339 -16.06 32.93 -4.41
C ASN A 339 -16.97 32.27 -3.37
N VAL A 340 -16.52 31.16 -2.79
CA VAL A 340 -17.31 30.51 -1.73
C VAL A 340 -17.46 31.44 -0.53
N MET A 341 -16.35 32.07 -0.13
CA MET A 341 -16.40 32.98 1.03
C MET A 341 -17.23 34.20 0.71
N GLN A 342 -17.09 34.76 -0.50
CA GLN A 342 -17.85 35.96 -0.85
C GLN A 342 -19.33 35.65 -1.00
N GLY A 343 -19.67 34.48 -1.55
CA GLY A 343 -21.06 34.06 -1.58
C GLY A 343 -21.64 33.90 -0.19
N PHE A 344 -20.84 33.35 0.73
CA PHE A 344 -21.25 33.26 2.13
C PHE A 344 -21.55 34.64 2.70
N GLU A 345 -20.74 35.64 2.34
CA GLU A 345 -20.91 36.99 2.84
C GLU A 345 -21.95 37.81 2.09
N GLY A 346 -22.48 37.33 0.96
CA GLY A 346 -23.58 37.99 0.28
C GLY A 346 -23.35 38.37 -1.17
N LYS A 347 -22.21 38.01 -1.77
CA LYS A 347 -21.99 38.30 -3.18
C LYS A 347 -22.75 37.30 -4.05
N SER A 348 -23.34 37.81 -5.13
CA SER A 348 -24.04 36.94 -6.08
C SER A 348 -23.65 37.28 -7.52
N GLY B 1 18.32 -40.60 -14.82
CA GLY B 1 19.71 -40.20 -15.03
C GLY B 1 20.63 -40.84 -14.01
N PRO B 2 21.93 -40.80 -14.25
CA PRO B 2 22.87 -41.48 -13.34
C PRO B 2 22.86 -40.84 -11.96
N LEU B 3 23.37 -41.61 -11.00
CA LEU B 3 23.53 -41.10 -9.65
C LEU B 3 24.44 -39.87 -9.67
N GLY B 4 24.05 -38.85 -8.91
CA GLY B 4 24.75 -37.59 -8.95
C GLY B 4 24.21 -36.60 -9.95
N SER B 5 23.11 -36.90 -10.62
CA SER B 5 22.48 -35.99 -11.58
C SER B 5 21.10 -35.57 -11.10
N MET B 6 20.65 -34.40 -11.56
CA MET B 6 19.33 -33.87 -11.24
C MET B 6 18.80 -33.12 -12.45
N LYS B 7 17.53 -33.31 -12.77
CA LYS B 7 16.91 -32.59 -13.88
C LYS B 7 16.46 -31.18 -13.48
N THR B 8 16.51 -30.27 -14.45
CA THR B 8 16.11 -28.88 -14.28
C THR B 8 15.03 -28.56 -15.29
N VAL B 9 13.99 -27.87 -14.84
CA VAL B 9 12.96 -27.38 -15.74
C VAL B 9 13.16 -25.89 -15.90
N PHE B 10 13.14 -25.43 -17.15
CA PHE B 10 13.41 -24.03 -17.48
C PHE B 10 12.52 -23.61 -18.65
N SER B 11 11.92 -22.43 -18.54
CA SER B 11 11.14 -21.89 -19.65
C SER B 11 11.79 -20.63 -20.20
N PRO B 12 12.06 -20.58 -21.51
CA PRO B 12 12.53 -19.32 -22.12
C PRO B 12 11.52 -18.20 -22.02
N LEU B 13 10.26 -18.52 -21.70
CA LEU B 13 9.24 -17.48 -21.59
C LEU B 13 9.45 -16.57 -20.39
N HIS B 14 10.39 -16.89 -19.49
CA HIS B 14 10.65 -15.99 -18.38
C HIS B 14 11.06 -14.61 -18.88
N SER B 15 11.72 -14.55 -20.04
CA SER B 15 12.20 -13.30 -20.60
CA SER B 15 12.19 -13.30 -20.61
C SER B 15 11.06 -12.37 -21.02
N ARG B 16 9.83 -12.88 -21.10
CA ARG B 16 8.69 -12.01 -21.38
C ARG B 16 8.47 -11.00 -20.25
N ARG B 17 8.95 -11.30 -19.03
CA ARG B 17 8.92 -10.33 -17.95
C ARG B 17 10.28 -9.66 -17.89
N HIS B 18 10.34 -8.40 -18.34
CA HIS B 18 11.55 -7.62 -18.38
C HIS B 18 11.16 -6.16 -18.12
N VAL B 19 10.74 -5.88 -16.88
CA VAL B 19 10.30 -4.51 -16.55
C VAL B 19 11.52 -3.59 -16.45
N LYS B 20 11.26 -2.29 -16.65
CA LYS B 20 12.32 -1.31 -16.64
C LYS B 20 12.42 -0.52 -15.34
N THR B 21 11.38 -0.53 -14.49
CA THR B 21 11.39 0.33 -13.32
C THR B 21 11.02 -0.44 -12.06
N GLU B 22 11.64 -0.03 -10.96
CA GLU B 22 11.32 -0.55 -9.63
C GLU B 22 11.39 0.61 -8.66
N LEU B 23 10.29 0.84 -7.92
CA LEU B 23 10.32 1.86 -6.88
C LEU B 23 11.20 1.39 -5.73
N ASP B 24 12.19 2.22 -5.37
CA ASP B 24 13.15 1.86 -4.33
C ASP B 24 13.74 3.12 -3.72
N GLY B 25 13.57 3.31 -2.41
CA GLY B 25 14.12 4.51 -1.78
C GLY B 25 13.58 5.81 -2.35
N GLY B 26 12.34 5.79 -2.83
CA GLY B 26 11.76 7.00 -3.39
C GLY B 26 12.16 7.31 -4.81
N LEU B 27 12.88 6.41 -5.48
CA LEU B 27 13.33 6.62 -6.85
C LEU B 27 12.89 5.43 -7.69
N LEU B 28 12.79 5.64 -9.00
CA LEU B 28 12.51 4.54 -9.93
C LEU B 28 13.85 4.07 -10.49
N ILE B 29 14.23 2.84 -10.15
CA ILE B 29 15.56 2.31 -10.42
C ILE B 29 15.44 1.08 -11.32
N GLU B 30 16.60 0.63 -11.80
CA GLU B 30 16.69 -0.65 -12.50
C GLU B 30 16.29 -1.79 -11.56
N PRO B 31 15.39 -2.68 -11.98
CA PRO B 31 14.89 -3.72 -11.07
C PRO B 31 15.96 -4.73 -10.69
N HIS B 32 15.83 -5.24 -9.47
CA HIS B 32 16.74 -6.28 -8.99
C HIS B 32 16.44 -7.63 -9.62
N GLU B 33 15.16 -7.94 -9.84
CA GLU B 33 14.75 -9.27 -10.30
C GLU B 33 14.78 -9.28 -11.83
N LYS B 34 15.99 -9.42 -12.37
CA LYS B 34 16.24 -9.19 -13.78
C LYS B 34 16.42 -10.51 -14.53
N PRO B 35 16.16 -10.51 -15.85
CA PRO B 35 16.24 -11.77 -16.61
C PRO B 35 17.60 -12.46 -16.54
N SER B 36 18.69 -11.72 -16.42
CA SER B 36 20.00 -12.37 -16.37
C SER B 36 20.15 -13.31 -15.18
N ARG B 37 19.31 -13.16 -14.14
CA ARG B 37 19.34 -14.10 -13.01
C ARG B 37 19.08 -15.53 -13.49
N ALA B 38 18.00 -15.71 -14.24
CA ALA B 38 17.65 -17.05 -14.72
C ALA B 38 18.65 -17.52 -15.76
N GLU B 39 19.08 -16.64 -16.66
CA GLU B 39 20.04 -17.05 -17.68
C GLU B 39 21.38 -17.46 -17.06
N THR B 40 21.82 -16.75 -16.02
CA THR B 40 23.08 -17.10 -15.38
C THR B 40 23.00 -18.45 -14.66
N ILE B 41 21.88 -18.73 -13.99
CA ILE B 41 21.73 -20.05 -13.37
C ILE B 41 21.69 -21.13 -14.43
N LEU B 42 20.92 -20.91 -15.49
CA LEU B 42 20.80 -21.92 -16.54
C LEU B 42 22.16 -22.23 -17.17
N ALA B 43 22.95 -21.19 -17.46
CA ALA B 43 24.28 -21.43 -18.04
C ALA B 43 25.15 -22.27 -17.12
N ARG B 44 25.00 -22.10 -15.79
CA ARG B 44 25.79 -22.89 -14.86
C ARG B 44 25.29 -24.32 -14.78
N VAL B 45 23.97 -24.52 -14.87
CA VAL B 45 23.41 -25.87 -14.93
C VAL B 45 24.00 -26.63 -16.11
N LYS B 46 24.04 -25.97 -17.28
CA LYS B 46 24.62 -26.57 -18.47
C LYS B 46 26.12 -26.80 -18.29
N ASP B 47 26.83 -25.79 -17.76
CA ASP B 47 28.28 -25.87 -17.67
C ASP B 47 28.72 -27.01 -16.75
N GLN B 48 28.01 -27.21 -15.64
CA GLN B 48 28.35 -28.26 -14.68
C GLN B 48 27.74 -29.60 -15.03
N ALA B 49 26.97 -29.66 -16.13
CA ALA B 49 26.26 -30.87 -16.54
C ALA B 49 25.49 -31.49 -15.38
N LEU B 50 24.68 -30.64 -14.72
CA LEU B 50 23.91 -31.11 -13.57
C LEU B 50 23.00 -32.26 -13.96
N GLY B 51 22.41 -32.19 -15.15
CA GLY B 51 21.47 -33.19 -15.60
C GLY B 51 20.67 -32.67 -16.78
N GLU B 52 19.66 -33.43 -17.16
CA GLU B 52 18.80 -33.06 -18.28
C GLU B 52 18.10 -31.74 -17.99
N ILE B 53 17.98 -30.92 -19.03
CA ILE B 53 17.22 -29.67 -18.96
C ILE B 53 16.01 -29.80 -19.88
N LEU B 54 14.83 -29.52 -19.35
CA LEU B 54 13.62 -29.65 -20.16
C LEU B 54 12.74 -28.43 -20.00
N GLU B 55 11.92 -28.19 -21.02
CA GLU B 55 10.93 -27.13 -20.97
C GLU B 55 9.68 -27.62 -20.24
N PRO B 56 8.87 -26.70 -19.72
CA PRO B 56 7.69 -27.12 -18.97
C PRO B 56 6.57 -27.60 -19.87
N GLU B 57 5.71 -28.44 -19.31
CA GLU B 57 4.42 -28.73 -19.93
C GLU B 57 3.43 -27.64 -19.57
N GLU B 58 2.37 -27.53 -20.36
CA GLU B 58 1.29 -26.59 -20.07
C GLU B 58 0.23 -27.32 -19.26
N PHE B 59 0.04 -26.92 -18.01
CA PHE B 59 -0.96 -27.55 -17.16
C PHE B 59 -2.26 -26.77 -17.10
N GLY B 60 -2.30 -25.56 -17.66
CA GLY B 60 -3.49 -24.73 -17.60
C GLY B 60 -3.66 -24.08 -16.22
N LEU B 61 -4.76 -23.36 -16.08
CA LEU B 61 -4.97 -22.58 -14.86
C LEU B 61 -5.57 -23.39 -13.71
N GLY B 62 -6.06 -24.61 -13.96
CA GLY B 62 -6.58 -25.46 -12.92
C GLY B 62 -5.70 -25.57 -11.68
N PRO B 63 -4.46 -26.08 -11.85
CA PRO B 63 -3.57 -26.24 -10.69
C PRO B 63 -3.19 -24.91 -10.04
N VAL B 64 -3.14 -23.82 -10.81
CA VAL B 64 -2.88 -22.51 -10.23
C VAL B 64 -4.04 -22.09 -9.33
N LYS B 65 -5.26 -22.34 -9.78
CA LYS B 65 -6.46 -21.98 -9.05
C LYS B 65 -6.77 -22.92 -7.88
N ARG B 66 -5.98 -23.98 -7.69
CA ARG B 66 -6.07 -24.74 -6.44
C ARG B 66 -5.51 -23.94 -5.28
N VAL B 67 -4.76 -22.88 -5.58
CA VAL B 67 -4.08 -22.06 -4.60
C VAL B 67 -4.54 -20.62 -4.65
N HIS B 68 -4.75 -20.08 -5.86
CA HIS B 68 -5.05 -18.68 -6.05
C HIS B 68 -6.51 -18.52 -6.41
N THR B 69 -7.08 -17.37 -6.04
CA THR B 69 -8.50 -17.15 -6.29
C THR B 69 -8.74 -16.81 -7.76
N ALA B 70 -9.94 -17.16 -8.25
CA ALA B 70 -10.27 -16.90 -9.64
C ALA B 70 -10.21 -15.41 -9.97
N ASP B 71 -10.71 -14.56 -9.07
CA ASP B 71 -10.70 -13.12 -9.32
C ASP B 71 -9.29 -12.59 -9.46
N TYR B 72 -8.36 -13.10 -8.64
CA TYR B 72 -6.97 -12.66 -8.72
C TYR B 72 -6.33 -13.13 -10.01
N VAL B 73 -6.55 -14.38 -10.39
CA VAL B 73 -6.02 -14.90 -11.64
C VAL B 73 -6.55 -14.08 -12.82
N SER B 74 -7.85 -13.76 -12.82
CA SER B 74 -8.40 -12.92 -13.88
C SER B 74 -7.76 -11.54 -13.89
N PHE B 75 -7.58 -10.94 -12.70
CA PHE B 75 -6.95 -9.63 -12.63
C PHE B 75 -5.56 -9.63 -13.27
N LEU B 76 -4.74 -10.65 -12.98
CA LEU B 76 -3.37 -10.63 -13.51
C LEU B 76 -3.37 -10.72 -15.03
N GLU B 77 -4.35 -11.40 -15.60
CA GLU B 77 -4.43 -11.56 -17.06
C GLU B 77 -4.79 -10.24 -17.75
N THR B 78 -5.66 -9.44 -17.13
CA THR B 78 -6.16 -8.23 -17.78
C THR B 78 -5.47 -6.93 -17.32
N CYS B 79 -4.70 -6.97 -16.23
CA CYS B 79 -4.25 -5.75 -15.57
CA CYS B 79 -4.32 -5.72 -15.60
C CYS B 79 -3.50 -4.82 -16.54
N TRP B 80 -2.55 -5.38 -17.29
CA TRP B 80 -1.74 -4.53 -18.15
C TRP B 80 -2.59 -3.88 -19.25
N ASP B 81 -3.44 -4.67 -19.91
CA ASP B 81 -4.29 -4.12 -20.96
C ASP B 81 -5.20 -3.02 -20.42
N GLU B 82 -5.75 -3.20 -19.21
CA GLU B 82 -6.60 -2.18 -18.61
C GLU B 82 -5.80 -0.94 -18.23
N TRP B 83 -4.59 -1.14 -17.73
CA TRP B 83 -3.71 -0.03 -17.39
C TRP B 83 -3.43 0.86 -18.61
N VAL B 84 -3.05 0.24 -19.72
CA VAL B 84 -2.75 1.00 -20.93
C VAL B 84 -4.00 1.69 -21.44
N ALA B 85 -5.13 0.99 -21.42
CA ALA B 85 -6.36 1.55 -21.96
C ALA B 85 -6.89 2.69 -21.11
N ALA B 86 -6.44 2.82 -19.87
CA ALA B 86 -6.84 3.92 -19.00
C ALA B 86 -5.91 5.13 -19.12
N GLY B 87 -4.90 5.06 -19.97
CA GLY B 87 -4.08 6.22 -20.28
C GLY B 87 -2.81 6.36 -19.48
N LYS B 88 -2.48 5.40 -18.61
CA LYS B 88 -1.25 5.51 -17.84
C LYS B 88 -0.04 5.31 -18.73
N ARG B 89 1.03 6.07 -18.44
CA ARG B 89 2.20 6.09 -19.31
CA ARG B 89 2.20 6.08 -19.32
C ARG B 89 3.39 5.30 -18.77
N GLY B 90 3.44 5.03 -17.46
CA GLY B 90 4.49 4.22 -16.89
C GLY B 90 4.10 2.76 -16.85
N GLU B 91 4.94 1.96 -16.18
CA GLU B 91 4.56 0.59 -15.92
C GLU B 91 3.46 0.57 -14.85
N ALA B 92 2.79 -0.57 -14.71
CA ALA B 92 1.67 -0.65 -13.77
C ALA B 92 2.21 -0.81 -12.35
N ILE B 93 2.03 0.22 -11.54
CA ILE B 93 2.53 0.30 -10.17
C ILE B 93 1.37 0.80 -9.31
N PRO B 94 1.07 0.16 -8.18
CA PRO B 94 0.01 0.67 -7.31
C PRO B 94 0.36 2.02 -6.71
N THR B 95 -0.63 2.90 -6.64
CA THR B 95 -0.53 4.19 -5.99
C THR B 95 -1.29 4.26 -4.68
N PHE B 96 -2.38 3.51 -4.55
CA PHE B 96 -3.24 3.51 -3.39
C PHE B 96 -3.57 2.08 -3.02
N TRP B 97 -3.90 1.86 -1.75
CA TRP B 97 -4.20 0.51 -1.29
C TRP B 97 -5.20 0.57 -0.15
N VAL B 98 -5.55 -0.61 0.35
CA VAL B 98 -6.48 -0.70 1.47
C VAL B 98 -5.70 -0.37 2.74
N GLY B 99 -5.71 0.90 3.13
CA GLY B 99 -5.07 1.30 4.35
C GLY B 99 -5.82 0.77 5.56
N ARG B 100 -5.15 0.82 6.71
CA ARG B 100 -5.79 0.37 7.94
C ARG B 100 -7.00 1.26 8.22
N GLY B 101 -8.16 0.62 8.42
CA GLY B 101 -9.39 1.36 8.63
C GLY B 101 -10.28 1.49 7.40
N MET B 102 -9.81 1.03 6.24
CA MET B 102 -10.61 1.05 5.01
C MET B 102 -11.23 -0.33 4.77
N ARG B 103 -12.13 -0.40 3.80
CA ARG B 103 -12.84 -1.64 3.50
C ARG B 103 -12.08 -2.50 2.50
N ALA B 104 -12.05 -3.81 2.77
CA ALA B 104 -11.54 -4.77 1.79
C ALA B 104 -12.63 -5.04 0.74
N ARG B 105 -12.88 -4.01 -0.06
CA ARG B 105 -13.93 -4.03 -1.09
C ARG B 105 -13.29 -3.82 -2.45
N LEU B 106 -13.57 -4.72 -3.39
CA LEU B 106 -12.99 -4.64 -4.72
C LEU B 106 -13.62 -3.51 -5.52
N PRO B 107 -12.84 -2.53 -5.99
CA PRO B 107 -13.40 -1.41 -6.76
C PRO B 107 -13.37 -1.70 -8.26
N LYS B 108 -14.08 -0.86 -9.01
CA LYS B 108 -14.07 -1.01 -10.47
C LYS B 108 -12.76 -0.51 -11.06
N ASP B 109 -12.23 0.58 -10.52
CA ASP B 109 -11.08 1.27 -11.09
C ASP B 109 -9.83 0.38 -11.11
N ILE B 110 -9.04 0.50 -12.17
CA ILE B 110 -7.84 -0.34 -12.31
C ILE B 110 -6.79 0.02 -11.26
N ASP B 111 -6.61 1.31 -10.94
CA ASP B 111 -5.70 1.68 -9.86
C ASP B 111 -6.17 1.07 -8.54
N GLY B 112 -7.47 1.17 -8.27
CA GLY B 112 -8.01 0.58 -7.05
C GLY B 112 -7.76 -0.90 -6.98
N ARG B 113 -7.97 -1.61 -8.09
CA ARG B 113 -7.75 -3.06 -8.09
C ARG B 113 -6.27 -3.40 -7.98
N LEU B 114 -5.40 -2.62 -8.62
CA LEU B 114 -3.97 -2.81 -8.45
C LEU B 114 -3.60 -2.79 -6.97
N GLY B 115 -4.09 -1.80 -6.23
CA GLY B 115 -3.76 -1.73 -4.80
C GLY B 115 -4.43 -2.82 -3.98
N TYR B 116 -5.69 -3.13 -4.30
CA TYR B 116 -6.39 -4.21 -3.59
C TYR B 116 -5.63 -5.53 -3.66
N TYR B 117 -5.03 -5.82 -4.81
CA TYR B 117 -4.35 -7.09 -5.04
C TYR B 117 -2.85 -7.06 -4.73
N SER B 118 -2.35 -6.02 -4.09
CA SER B 118 -0.90 -5.93 -3.91
C SER B 118 -0.52 -5.69 -2.45
N LEU B 119 0.74 -5.98 -2.15
CA LEU B 119 1.31 -5.65 -0.85
C LEU B 119 2.51 -4.73 -0.97
N GLY B 120 2.87 -4.31 -2.17
CA GLY B 120 3.99 -3.39 -2.29
C GLY B 120 4.01 -2.78 -3.67
N ALA B 121 4.84 -1.77 -3.81
CA ALA B 121 4.92 -0.99 -5.05
C ALA B 121 6.22 -1.22 -5.81
N ASP B 122 7.01 -2.22 -5.42
CA ASP B 122 8.29 -2.47 -6.08
C ASP B 122 8.20 -3.55 -7.15
N THR B 123 6.99 -4.01 -7.47
CA THR B 123 6.77 -5.12 -8.39
C THR B 123 5.96 -4.63 -9.59
N SER B 124 6.62 -3.92 -10.50
CA SER B 124 5.93 -3.38 -11.66
C SER B 124 5.38 -4.49 -12.55
N ILE B 125 4.22 -4.24 -13.13
CA ILE B 125 3.60 -5.15 -14.10
C ILE B 125 3.68 -4.48 -15.48
N SER B 126 4.03 -5.27 -16.49
CA SER B 126 4.04 -4.74 -17.85
C SER B 126 3.66 -5.86 -18.81
N ASP B 127 3.78 -5.60 -20.10
CA ASP B 127 3.44 -6.62 -21.08
C ASP B 127 4.33 -7.84 -20.89
N GLY B 128 3.72 -9.02 -20.94
CA GLY B 128 4.45 -10.25 -20.76
C GLY B 128 4.54 -10.75 -19.34
N THR B 129 4.15 -9.94 -18.35
CA THR B 129 4.18 -10.41 -16.96
C THR B 129 3.24 -11.61 -16.78
N TRP B 130 2.04 -11.53 -17.34
CA TRP B 130 1.10 -12.64 -17.26
C TRP B 130 1.70 -13.91 -17.84
N GLU B 131 2.31 -13.81 -19.03
CA GLU B 131 2.83 -15.00 -19.71
C GLU B 131 4.01 -15.60 -18.94
N ALA B 132 4.86 -14.76 -18.36
CA ALA B 132 5.99 -15.27 -17.61
C ALA B 132 5.54 -15.92 -16.31
N ALA B 133 4.57 -15.33 -15.62
CA ALA B 133 4.07 -15.93 -14.38
C ALA B 133 3.43 -17.28 -14.66
N ARG B 134 2.67 -17.38 -15.76
CA ARG B 134 2.07 -18.65 -16.13
C ARG B 134 3.14 -19.71 -16.39
N ALA B 135 4.17 -19.36 -17.15
CA ALA B 135 5.24 -20.29 -17.46
C ALA B 135 5.99 -20.72 -16.19
N SER B 136 6.22 -19.78 -15.28
CA SER B 136 6.94 -20.10 -14.05
C SER B 136 6.17 -21.12 -13.20
N ALA B 137 4.85 -20.96 -13.12
CA ALA B 137 4.03 -21.95 -12.44
C ALA B 137 4.07 -23.30 -13.14
N ASN B 138 4.08 -23.30 -14.48
CA ASN B 138 4.21 -24.55 -15.20
C ASN B 138 5.57 -25.19 -15.00
N VAL B 139 6.62 -24.38 -14.82
CA VAL B 139 7.94 -24.93 -14.51
C VAL B 139 7.90 -25.70 -13.21
N ALA B 140 7.30 -25.09 -12.17
CA ALA B 140 7.18 -25.77 -10.89
C ALA B 140 6.34 -27.03 -10.99
N LEU B 141 5.24 -26.96 -11.75
CA LEU B 141 4.36 -28.11 -11.88
C LEU B 141 5.00 -29.25 -12.68
N THR B 142 5.86 -28.91 -13.65
CA THR B 142 6.59 -29.92 -14.40
C THR B 142 7.62 -30.59 -13.50
N ALA B 143 8.34 -29.80 -12.69
CA ALA B 143 9.24 -30.41 -11.71
C ALA B 143 8.50 -31.33 -10.75
N GLN B 144 7.32 -30.90 -10.26
CA GLN B 144 6.56 -31.76 -9.37
C GLN B 144 6.18 -33.08 -10.06
N LYS B 145 5.81 -33.00 -11.35
CA LYS B 145 5.47 -34.21 -12.10
C LYS B 145 6.67 -35.13 -12.26
N LEU B 146 7.84 -34.58 -12.56
CA LEU B 146 9.05 -35.40 -12.65
C LEU B 146 9.27 -36.19 -11.36
N VAL B 147 9.13 -35.53 -10.21
CA VAL B 147 9.34 -36.20 -8.93
C VAL B 147 8.23 -37.21 -8.66
N ALA B 148 6.98 -36.85 -8.96
CA ALA B 148 5.87 -37.78 -8.75
C ALA B 148 5.99 -39.02 -9.61
N GLU B 149 6.64 -38.90 -10.76
CA GLU B 149 6.78 -40.03 -11.67
C GLU B 149 8.11 -40.75 -11.51
N GLY B 150 8.90 -40.42 -10.49
CA GLY B 150 10.04 -41.25 -10.18
C GLY B 150 11.35 -40.58 -9.80
N GLU B 151 11.55 -39.32 -10.15
CA GLU B 151 12.80 -38.64 -9.80
C GLU B 151 12.88 -38.43 -8.29
N ARG B 152 14.09 -38.56 -7.74
CA ARG B 152 14.27 -38.21 -6.34
C ARG B 152 14.04 -36.72 -6.12
N ALA B 153 14.48 -35.90 -7.07
CA ALA B 153 14.45 -34.45 -6.94
C ALA B 153 14.43 -33.82 -8.32
N ALA B 154 13.99 -32.56 -8.37
CA ALA B 154 14.04 -31.79 -9.60
C ALA B 154 14.15 -30.32 -9.25
N PHE B 155 14.81 -29.56 -10.11
CA PHE B 155 15.03 -28.13 -9.93
C PHE B 155 14.09 -27.36 -10.84
N ALA B 156 13.14 -26.64 -10.24
CA ALA B 156 12.23 -25.76 -10.99
C ALA B 156 12.87 -24.39 -11.06
N LEU B 157 13.47 -24.06 -12.21
CA LEU B 157 14.17 -22.78 -12.37
C LEU B 157 13.13 -21.71 -12.70
N CYS B 158 12.36 -21.36 -11.67
CA CYS B 158 11.26 -20.42 -11.81
C CYS B 158 11.77 -18.97 -11.88
N ARG B 159 11.20 -18.21 -12.81
CA ARG B 159 11.30 -16.76 -12.80
C ARG B 159 10.08 -16.25 -13.54
N PRO B 160 9.24 -15.40 -12.93
CA PRO B 160 9.38 -14.79 -11.59
C PRO B 160 9.26 -15.76 -10.41
N PRO B 161 9.80 -15.36 -9.26
CA PRO B 161 9.68 -16.18 -8.04
C PRO B 161 8.26 -16.16 -7.51
N GLY B 162 8.01 -16.87 -6.41
CA GLY B 162 6.64 -17.09 -5.98
C GLY B 162 6.29 -16.92 -4.51
N HIS B 163 7.24 -17.02 -3.59
CA HIS B 163 6.85 -17.32 -2.21
C HIS B 163 6.22 -16.16 -1.47
N HIS B 164 6.31 -14.92 -1.99
CA HIS B 164 5.65 -13.78 -1.37
C HIS B 164 4.19 -13.64 -1.79
N ALA B 165 3.73 -14.40 -2.79
CA ALA B 165 2.37 -14.22 -3.30
C ALA B 165 1.36 -14.98 -2.44
N HIS B 166 0.30 -14.29 -2.02
CA HIS B 166 -0.79 -14.91 -1.30
C HIS B 166 -1.81 -15.46 -2.30
N ALA B 167 -2.89 -16.06 -1.77
CA ALA B 167 -3.95 -16.54 -2.65
C ALA B 167 -4.44 -15.45 -3.58
N ASP B 168 -4.48 -14.20 -3.12
CA ASP B 168 -4.98 -13.13 -3.96
C ASP B 168 -4.20 -11.84 -3.75
N VAL B 169 -2.89 -11.95 -3.52
CA VAL B 169 -2.04 -10.78 -3.36
C VAL B 169 -0.71 -11.03 -4.04
N PHE B 170 -0.23 -10.07 -4.85
CA PHE B 170 1.09 -10.15 -5.44
C PHE B 170 2.03 -9.13 -4.80
N GLY B 171 3.32 -9.37 -4.94
CA GLY B 171 4.32 -8.46 -4.42
C GLY B 171 5.62 -9.20 -4.14
N GLY B 172 6.62 -8.43 -3.72
CA GLY B 172 7.94 -9.00 -3.50
C GLY B 172 8.48 -9.69 -4.72
N TYR B 173 8.12 -9.16 -5.89
CA TYR B 173 8.50 -9.68 -7.21
C TYR B 173 7.77 -10.96 -7.58
N CYS B 174 6.77 -11.39 -6.80
CA CYS B 174 6.09 -12.67 -7.00
C CYS B 174 4.63 -12.48 -7.42
N PHE B 175 4.12 -13.39 -8.27
CA PHE B 175 2.74 -13.32 -8.74
C PHE B 175 1.95 -14.60 -8.46
N PHE B 176 2.46 -15.75 -8.87
CA PHE B 176 1.88 -17.03 -8.50
C PHE B 176 2.84 -17.73 -7.55
N ASN B 177 2.29 -18.37 -6.52
CA ASN B 177 3.17 -18.98 -5.52
C ASN B 177 3.54 -20.38 -6.02
N ASN B 178 4.65 -20.45 -6.76
CA ASN B 178 5.09 -21.69 -7.39
C ASN B 178 5.28 -22.81 -6.36
N ALA B 179 5.91 -22.50 -5.23
CA ALA B 179 6.09 -23.51 -4.19
C ALA B 179 4.76 -24.05 -3.69
N ALA B 180 3.80 -23.16 -3.42
CA ALA B 180 2.51 -23.60 -2.91
C ALA B 180 1.76 -24.41 -3.94
N ILE B 181 1.90 -24.02 -5.22
CA ILE B 181 1.23 -24.74 -6.30
C ILE B 181 1.78 -26.16 -6.42
N ALA B 182 3.10 -26.30 -6.31
CA ALA B 182 3.69 -27.63 -6.32
C ALA B 182 3.27 -28.44 -5.10
N ALA B 183 3.24 -27.80 -3.92
CA ALA B 183 2.82 -28.53 -2.73
C ALA B 183 1.38 -29.01 -2.85
N GLN B 184 0.49 -28.15 -3.33
CA GLN B 184 -0.90 -28.56 -3.47
C GLN B 184 -1.05 -29.62 -4.54
N ALA B 185 -0.21 -29.59 -5.58
CA ALA B 185 -0.26 -30.64 -6.59
C ALA B 185 0.13 -31.99 -6.00
N PHE B 186 1.15 -32.02 -5.14
CA PHE B 186 1.45 -33.25 -4.39
C PHE B 186 0.23 -33.73 -3.62
N ARG B 187 -0.44 -32.83 -2.90
CA ARG B 187 -1.62 -33.23 -2.12
C ARG B 187 -2.73 -33.74 -3.03
N ASP B 188 -2.96 -33.05 -4.15
CA ASP B 188 -4.02 -33.47 -5.08
C ASP B 188 -3.74 -34.81 -5.73
N GLN B 189 -2.49 -35.26 -5.71
CA GLN B 189 -2.11 -36.54 -6.29
C GLN B 189 -1.98 -37.66 -5.27
N GLY B 190 -2.48 -37.45 -4.05
CA GLY B 190 -2.48 -38.51 -3.07
C GLY B 190 -1.31 -38.54 -2.12
N TYR B 191 -0.43 -37.55 -2.15
CA TYR B 191 0.58 -37.42 -1.11
C TYR B 191 -0.09 -36.84 0.13
N GLY B 192 -0.12 -37.61 1.21
CA GLY B 192 -0.94 -37.25 2.36
C GLY B 192 -0.50 -35.99 3.06
N LYS B 193 0.82 -35.80 3.22
CA LYS B 193 1.38 -34.67 3.94
C LYS B 193 2.56 -34.11 3.15
N VAL B 194 2.68 -32.78 3.10
CA VAL B 194 3.74 -32.11 2.35
C VAL B 194 4.37 -31.06 3.25
N ALA B 195 5.70 -30.92 3.18
CA ALA B 195 6.39 -29.83 3.87
C ALA B 195 6.97 -28.86 2.85
N VAL B 196 6.87 -27.56 3.15
CA VAL B 196 7.48 -26.52 2.34
C VAL B 196 8.49 -25.81 3.22
N LEU B 197 9.77 -25.91 2.86
CA LEU B 197 10.85 -25.31 3.62
C LEU B 197 11.39 -24.13 2.82
N ASP B 198 11.35 -22.94 3.41
CA ASP B 198 11.73 -21.72 2.71
C ASP B 198 13.09 -21.25 3.24
N VAL B 199 14.16 -21.47 2.47
CA VAL B 199 15.51 -21.06 2.87
C VAL B 199 15.96 -19.76 2.22
N ASP B 200 15.09 -19.14 1.41
CA ASP B 200 15.33 -17.79 0.91
C ASP B 200 15.53 -16.84 2.09
N PHE B 201 16.35 -15.78 1.87
CA PHE B 201 16.59 -14.80 2.93
C PHE B 201 15.30 -14.20 3.48
N HIS B 202 14.27 -14.05 2.66
CA HIS B 202 13.04 -13.39 3.10
C HIS B 202 12.02 -14.42 3.55
N HIS B 203 11.11 -13.97 4.41
CA HIS B 203 10.01 -14.84 4.84
C HIS B 203 9.10 -15.20 3.67
N GLY B 204 8.77 -16.48 3.57
CA GLY B 204 7.73 -16.91 2.63
C GLY B 204 6.33 -16.60 3.14
N ASN B 205 5.97 -15.32 3.15
CA ASN B 205 4.69 -14.91 3.73
C ASN B 205 3.50 -15.47 2.95
N GLY B 206 3.62 -15.53 1.63
CA GLY B 206 2.52 -16.04 0.83
C GLY B 206 2.26 -17.51 1.12
N THR B 207 3.33 -18.30 1.19
CA THR B 207 3.17 -19.72 1.49
C THR B 207 2.59 -19.93 2.87
N GLN B 208 3.11 -19.19 3.86
CA GLN B 208 2.53 -19.27 5.20
C GLN B 208 1.04 -18.96 5.17
N ALA B 209 0.65 -17.89 4.47
CA ALA B 209 -0.75 -17.48 4.48
C ALA B 209 -1.64 -18.53 3.79
N ILE B 210 -1.17 -19.13 2.70
CA ILE B 210 -2.00 -20.04 1.94
C ILE B 210 -2.34 -21.29 2.76
N PHE B 211 -1.41 -21.79 3.58
CA PHE B 211 -1.64 -23.03 4.31
C PHE B 211 -1.86 -22.80 5.81
N TYR B 212 -2.12 -21.56 6.22
CA TYR B 212 -2.01 -21.21 7.64
C TYR B 212 -2.98 -22.00 8.53
N ASP B 213 -4.15 -22.36 8.01
CA ASP B 213 -5.15 -23.06 8.81
C ASP B 213 -5.17 -24.55 8.51
N ARG B 214 -4.08 -25.10 7.98
CA ARG B 214 -4.01 -26.50 7.59
C ARG B 214 -2.90 -27.22 8.33
N SER B 215 -3.18 -28.47 8.69
CA SER B 215 -2.17 -29.33 9.28
C SER B 215 -1.59 -30.34 8.29
N ASP B 216 -2.10 -30.41 7.06
CA ASP B 216 -1.57 -31.35 6.08
C ASP B 216 -0.40 -30.78 5.30
N VAL B 217 -0.14 -29.49 5.38
CA VAL B 217 1.02 -28.87 4.73
C VAL B 217 1.75 -28.08 5.79
N LEU B 218 2.94 -28.54 6.15
CA LEU B 218 3.81 -27.85 7.09
C LEU B 218 4.56 -26.76 6.35
N THR B 219 4.58 -25.55 6.90
CA THR B 219 5.33 -24.45 6.30
C THR B 219 6.39 -23.99 7.30
N ILE B 220 7.63 -23.94 6.84
CA ILE B 220 8.75 -23.47 7.65
C ILE B 220 9.50 -22.42 6.87
N SER B 221 9.91 -21.33 7.52
CA SER B 221 10.80 -20.38 6.85
C SER B 221 11.90 -19.94 7.80
N LEU B 222 13.14 -19.90 7.26
CA LEU B 222 14.27 -19.21 7.89
C LEU B 222 14.44 -17.88 7.17
N HIS B 223 14.60 -16.79 7.91
CA HIS B 223 14.67 -15.51 7.20
C HIS B 223 15.20 -14.41 8.10
N GLY B 224 15.55 -13.29 7.45
CA GLY B 224 15.88 -12.08 8.20
C GLY B 224 14.68 -11.58 8.96
N ASP B 225 14.94 -11.05 10.16
CA ASP B 225 13.97 -10.46 11.07
C ASP B 225 13.04 -9.46 10.37
N PRO B 226 11.74 -9.77 10.26
CA PRO B 226 10.81 -8.84 9.59
C PRO B 226 10.67 -7.51 10.29
N ASP B 227 11.05 -7.38 11.56
CA ASP B 227 11.15 -6.03 12.11
C ASP B 227 12.09 -5.17 11.29
N LEU B 228 13.06 -5.79 10.59
CA LEU B 228 14.12 -5.07 9.92
C LEU B 228 14.05 -5.12 8.41
N VAL B 229 13.32 -6.09 7.83
CA VAL B 229 13.30 -6.27 6.38
CA VAL B 229 13.30 -6.28 6.37
C VAL B 229 11.93 -6.76 5.94
N PHE B 230 11.69 -6.62 4.64
CA PHE B 230 10.53 -7.17 3.98
C PHE B 230 10.38 -8.65 4.35
N PRO B 231 9.16 -9.15 4.62
CA PRO B 231 7.86 -8.48 4.38
C PRO B 231 7.27 -7.66 5.53
N HIS B 232 8.01 -7.50 6.63
CA HIS B 232 7.69 -6.61 7.76
C HIS B 232 6.45 -6.98 8.58
N PHE B 233 5.37 -7.43 7.95
CA PHE B 233 4.10 -7.60 8.66
C PHE B 233 3.69 -9.07 8.79
N LEU B 234 4.57 -9.99 8.41
CA LEU B 234 4.45 -11.40 8.73
C LEU B 234 5.86 -11.93 8.89
N GLY B 235 5.97 -13.13 9.45
CA GLY B 235 7.25 -13.81 9.57
C GLY B 235 7.78 -13.89 10.97
N PHE B 236 7.02 -13.46 11.96
CA PHE B 236 7.53 -13.45 13.32
C PHE B 236 7.39 -14.82 13.96
N GLU B 237 8.23 -15.07 14.96
CA GLU B 237 8.29 -16.42 15.54
C GLU B 237 7.03 -16.79 16.29
N ASP B 238 6.19 -15.82 16.64
CA ASP B 238 4.94 -16.12 17.34
C ASP B 238 3.82 -16.56 16.40
N GLU B 239 4.08 -16.62 15.09
CA GLU B 239 3.06 -17.03 14.11
C GLU B 239 3.19 -18.53 13.92
N THR B 240 2.35 -19.30 14.62
CA THR B 240 2.47 -20.74 14.61
C THR B 240 1.28 -21.45 13.94
N GLY B 241 0.39 -20.71 13.30
CA GLY B 241 -0.76 -21.30 12.65
C GLY B 241 -2.07 -20.91 13.33
N GLU B 242 -3.17 -21.28 12.70
CA GLU B 242 -4.49 -20.98 13.22
C GLU B 242 -5.40 -22.17 13.04
N GLY B 243 -6.31 -22.34 13.99
CA GLY B 243 -7.29 -23.44 13.89
C GLY B 243 -6.61 -24.79 13.78
N ASP B 244 -7.01 -25.57 12.78
CA ASP B 244 -6.38 -26.88 12.57
C ASP B 244 -4.90 -26.75 12.24
N GLY B 245 -4.47 -25.59 11.75
CA GLY B 245 -3.07 -25.39 11.45
C GLY B 245 -2.19 -25.01 12.61
N GLU B 246 -2.73 -24.90 13.83
CA GLU B 246 -1.91 -24.51 14.96
C GLU B 246 -0.84 -25.57 15.22
N ALA B 247 0.43 -25.11 15.26
CA ALA B 247 1.67 -25.87 15.44
C ALA B 247 2.22 -26.41 14.13
N TYR B 248 1.62 -26.01 12.99
CA TYR B 248 2.10 -26.47 11.68
C TYR B 248 2.62 -25.32 10.82
N ASN B 249 3.03 -24.23 11.44
CA ASN B 249 3.84 -23.19 10.81
C ASN B 249 4.98 -22.83 11.75
N LEU B 250 6.20 -22.72 11.22
CA LEU B 250 7.37 -22.42 12.02
C LEU B 250 8.24 -21.38 11.32
N ASN B 251 8.42 -20.24 11.98
CA ASN B 251 9.29 -19.17 11.50
C ASN B 251 10.53 -19.12 12.37
N ILE B 252 11.69 -19.06 11.74
CA ILE B 252 12.98 -18.93 12.43
C ILE B 252 13.66 -17.67 11.92
N VAL B 253 13.92 -16.72 12.82
CA VAL B 253 14.35 -15.37 12.49
CA VAL B 253 14.35 -15.37 12.49
C VAL B 253 15.82 -15.20 12.86
N PHE B 254 16.56 -14.42 12.05
CA PHE B 254 17.96 -14.12 12.31
C PHE B 254 18.26 -12.63 12.10
N PRO B 255 19.26 -12.11 12.83
CA PRO B 255 19.63 -10.69 12.71
C PRO B 255 20.65 -10.45 11.61
N PRO B 256 20.97 -9.18 11.33
CA PRO B 256 22.06 -8.88 10.40
C PRO B 256 23.35 -9.57 10.80
N ASP B 257 24.15 -9.90 9.78
CA ASP B 257 25.49 -10.47 9.85
C ASP B 257 25.50 -11.95 10.17
N THR B 258 24.34 -12.61 10.22
CA THR B 258 24.29 -14.03 10.56
C THR B 258 25.05 -14.87 9.54
N PRO B 259 26.05 -15.64 9.97
CA PRO B 259 26.78 -16.52 9.05
C PRO B 259 26.21 -17.93 9.04
N PHE B 260 26.74 -18.80 8.17
CA PHE B 260 26.24 -20.17 8.07
C PHE B 260 26.38 -20.94 9.39
N SER B 261 27.44 -20.68 10.16
CA SER B 261 27.60 -21.42 11.41
C SER B 261 26.42 -21.22 12.35
N ILE B 262 25.77 -20.06 12.27
CA ILE B 262 24.57 -19.79 13.09
C ILE B 262 23.29 -20.18 12.34
N TRP B 263 23.19 -19.75 11.09
CA TRP B 263 22.01 -20.06 10.27
C TRP B 263 21.77 -21.56 10.21
N SER B 264 22.84 -22.37 10.15
CA SER B 264 22.66 -23.81 10.05
C SER B 264 22.13 -24.43 11.34
N GLN B 265 22.24 -23.73 12.48
CA GLN B 265 21.55 -24.19 13.68
C GLN B 265 20.05 -24.07 13.50
N GLY B 266 19.60 -22.99 12.88
CA GLY B 266 18.19 -22.87 12.52
C GLY B 266 17.78 -23.89 11.49
N LEU B 267 18.64 -24.14 10.49
CA LEU B 267 18.37 -25.21 9.53
C LEU B 267 18.19 -26.53 10.24
N GLU B 268 19.01 -26.83 11.26
CA GLU B 268 18.87 -28.09 11.97
C GLU B 268 17.54 -28.16 12.72
N LYS B 269 17.11 -27.05 13.31
CA LYS B 269 15.79 -27.02 13.94
CA LYS B 269 15.79 -27.02 13.94
C LYS B 269 14.69 -27.28 12.93
N ALA B 270 14.79 -26.66 11.75
CA ALA B 270 13.80 -26.89 10.70
C ALA B 270 13.80 -28.36 10.26
N CYS B 271 14.98 -28.95 10.12
CA CYS B 271 15.03 -30.34 9.70
C CYS B 271 14.45 -31.28 10.76
N GLU B 272 14.63 -30.95 12.04
CA GLU B 272 14.01 -31.77 13.09
C GLU B 272 12.49 -31.64 13.06
N ARG B 273 11.98 -30.44 12.77
CA ARG B 273 10.55 -30.24 12.63
C ARG B 273 9.99 -31.02 11.44
N ILE B 274 10.73 -31.06 10.33
CA ILE B 274 10.32 -31.85 9.18
C ILE B 274 10.29 -33.34 9.55
N ARG B 275 11.29 -33.80 10.30
CA ARG B 275 11.34 -35.20 10.70
C ARG B 275 10.13 -35.58 11.54
N THR B 276 9.72 -34.73 12.50
CA THR B 276 8.57 -35.10 13.33
C THR B 276 7.26 -34.94 12.58
N PHE B 277 7.23 -34.11 11.54
CA PHE B 277 6.04 -34.00 10.70
C PHE B 277 5.92 -35.21 9.78
N ALA B 278 7.05 -35.79 9.37
CA ALA B 278 7.09 -36.98 8.53
C ALA B 278 6.25 -36.83 7.25
N PRO B 279 6.61 -35.88 6.39
CA PRO B 279 5.85 -35.66 5.17
C PRO B 279 6.15 -36.71 4.12
N ASP B 280 5.28 -36.76 3.12
CA ASP B 280 5.47 -37.65 1.96
C ASP B 280 6.21 -36.98 0.82
N ALA B 281 6.32 -35.66 0.84
CA ALA B 281 7.08 -34.92 -0.15
C ALA B 281 7.52 -33.59 0.47
N LEU B 282 8.58 -33.02 -0.10
CA LEU B 282 9.17 -31.77 0.34
C LEU B 282 9.29 -30.81 -0.83
N VAL B 283 8.87 -29.58 -0.64
CA VAL B 283 9.15 -28.49 -1.57
C VAL B 283 10.10 -27.54 -0.86
N VAL B 284 11.22 -27.21 -1.51
CA VAL B 284 12.19 -26.26 -0.97
C VAL B 284 12.08 -24.97 -1.78
N ALA B 285 11.64 -23.90 -1.13
CA ALA B 285 11.64 -22.59 -1.77
C ALA B 285 13.05 -22.04 -1.61
N LEU B 286 13.84 -22.10 -2.68
CA LEU B 286 15.26 -21.85 -2.60
C LEU B 286 15.58 -20.44 -3.09
N GLY B 287 16.06 -19.61 -2.20
CA GLY B 287 16.70 -18.36 -2.57
C GLY B 287 18.14 -18.40 -2.13
N VAL B 288 19.01 -17.77 -2.93
CA VAL B 288 20.39 -17.61 -2.57
C VAL B 288 20.71 -16.14 -2.25
N ASP B 289 19.67 -15.36 -1.88
CA ASP B 289 19.91 -14.02 -1.36
C ASP B 289 20.38 -14.05 0.10
N THR B 290 20.60 -15.23 0.66
CA THR B 290 21.34 -15.37 1.92
C THR B 290 22.85 -15.14 1.74
N PHE B 291 23.29 -14.92 0.50
CA PHE B 291 24.70 -14.83 0.15
C PHE B 291 25.34 -13.55 0.71
N GLU B 292 26.62 -13.67 1.08
CA GLU B 292 27.33 -12.57 1.74
C GLU B 292 27.46 -11.34 0.86
N GLU B 293 27.33 -11.47 -0.46
CA GLU B 293 27.40 -10.31 -1.35
C GLU B 293 26.05 -9.91 -1.91
N ASP B 294 24.93 -10.42 -1.36
CA ASP B 294 23.62 -10.05 -1.89
C ASP B 294 23.36 -8.57 -1.67
N PRO B 295 22.93 -7.83 -2.69
CA PRO B 295 22.77 -6.38 -2.53
C PRO B 295 21.60 -5.94 -1.66
N ILE B 296 20.62 -6.80 -1.38
CA ILE B 296 19.47 -6.34 -0.62
C ILE B 296 19.28 -7.10 0.69
N SER B 297 20.24 -7.93 1.08
CA SER B 297 20.05 -8.85 2.19
C SER B 297 21.23 -8.75 3.16
N PHE B 298 21.07 -9.31 4.37
CA PHE B 298 22.11 -9.10 5.37
C PHE B 298 22.60 -10.38 6.06
N PHE B 299 22.52 -11.55 5.40
CA PHE B 299 23.21 -12.73 5.91
C PHE B 299 24.58 -12.87 5.23
N LYS B 300 25.38 -13.83 5.72
CA LYS B 300 26.78 -13.93 5.29
C LYS B 300 27.14 -15.35 4.87
N LEU B 301 26.27 -16.03 4.13
CA LEU B 301 26.65 -17.33 3.59
C LEU B 301 27.67 -17.18 2.46
N THR B 302 28.58 -18.14 2.39
CA THR B 302 29.56 -18.21 1.31
C THR B 302 29.07 -19.19 0.25
N SER B 303 29.69 -19.11 -0.93
CA SER B 303 29.27 -20.02 -2.01
C SER B 303 29.45 -21.47 -1.60
N GLY B 304 30.53 -21.78 -0.88
CA GLY B 304 30.73 -23.13 -0.39
C GLY B 304 29.67 -23.59 0.60
N ASP B 305 29.03 -22.65 1.31
CA ASP B 305 27.98 -23.06 2.24
C ASP B 305 26.78 -23.65 1.52
N TYR B 306 26.57 -23.28 0.26
CA TYR B 306 25.42 -23.81 -0.46
C TYR B 306 25.61 -25.30 -0.78
N LEU B 307 26.85 -25.76 -0.98
CA LEU B 307 27.10 -27.19 -1.06
C LEU B 307 26.65 -27.92 0.22
N LYS B 308 26.96 -27.32 1.38
CA LYS B 308 26.57 -27.94 2.64
C LYS B 308 25.07 -27.94 2.83
N LEU B 309 24.41 -26.85 2.42
CA LEU B 309 22.95 -26.78 2.51
C LEU B 309 22.31 -27.90 1.69
N GLY B 310 22.80 -28.11 0.47
CA GLY B 310 22.22 -29.16 -0.38
C GLY B 310 22.45 -30.55 0.18
N LYS B 311 23.65 -30.80 0.71
CA LYS B 311 23.92 -32.07 1.39
C LYS B 311 22.93 -32.32 2.52
N ARG B 312 22.72 -31.31 3.37
CA ARG B 312 21.83 -31.48 4.53
C ARG B 312 20.41 -31.77 4.10
N LEU B 313 19.94 -31.09 3.05
CA LEU B 313 18.59 -31.32 2.55
C LEU B 313 18.43 -32.72 1.99
N GLU B 314 19.47 -33.26 1.33
CA GLU B 314 19.36 -34.63 0.85
C GLU B 314 19.23 -35.61 2.00
N GLN B 315 19.87 -35.33 3.14
CA GLN B 315 19.79 -36.25 4.25
C GLN B 315 18.39 -36.35 4.84
N LEU B 316 17.46 -35.46 4.46
CA LEU B 316 16.07 -35.63 4.90
C LEU B 316 15.43 -36.86 4.28
N GLY B 317 15.94 -37.34 3.15
CA GLY B 317 15.45 -38.56 2.55
C GLY B 317 14.09 -38.46 1.89
N LEU B 318 13.74 -37.29 1.35
CA LEU B 318 12.39 -37.08 0.85
C LEU B 318 12.38 -36.81 -0.65
N PRO B 319 11.28 -37.16 -1.34
CA PRO B 319 11.09 -36.62 -2.70
C PRO B 319 11.02 -35.10 -2.61
N THR B 320 11.83 -34.41 -3.43
CA THR B 320 12.10 -32.99 -3.21
C THR B 320 11.99 -32.19 -4.50
N VAL B 321 11.19 -31.13 -4.49
CA VAL B 321 11.15 -30.16 -5.59
C VAL B 321 11.77 -28.87 -5.08
N PHE B 322 12.77 -28.35 -5.79
CA PHE B 322 13.34 -27.04 -5.53
C PHE B 322 12.68 -26.01 -6.45
N THR B 323 12.14 -24.93 -5.88
CA THR B 323 11.65 -23.81 -6.67
C THR B 323 12.55 -22.60 -6.43
N MET B 324 12.98 -21.96 -7.52
CA MET B 324 13.89 -20.84 -7.42
C MET B 324 13.15 -19.59 -6.96
N GLU B 325 13.66 -18.96 -5.91
CA GLU B 325 13.08 -17.72 -5.40
C GLU B 325 14.03 -16.57 -5.67
N GLY B 326 14.61 -15.94 -4.63
CA GLY B 326 15.46 -14.78 -4.79
C GLY B 326 16.95 -15.08 -4.88
N GLY B 327 17.74 -14.00 -4.91
CA GLY B 327 19.19 -14.06 -5.12
C GLY B 327 19.59 -13.03 -6.16
N TYR B 328 20.33 -12.00 -5.76
CA TYR B 328 20.45 -10.81 -6.58
C TYR B 328 21.88 -10.37 -6.91
N ASP B 329 22.89 -11.10 -6.45
CA ASP B 329 24.26 -10.90 -6.96
C ASP B 329 24.43 -11.78 -8.18
N VAL B 330 24.28 -11.21 -9.37
CA VAL B 330 24.17 -12.05 -10.56
C VAL B 330 25.51 -12.71 -10.89
N ASP B 331 26.63 -12.11 -10.48
CA ASP B 331 27.93 -12.74 -10.70
C ASP B 331 28.00 -14.11 -10.05
N ALA B 332 27.40 -14.28 -8.88
CA ALA B 332 27.52 -15.52 -8.14
C ALA B 332 26.24 -16.35 -8.10
N ILE B 333 25.14 -15.89 -8.69
CA ILE B 333 23.86 -16.53 -8.48
C ILE B 333 23.86 -17.95 -9.05
N GLY B 334 24.54 -18.16 -10.19
CA GLY B 334 24.57 -19.48 -10.78
C GLY B 334 25.39 -20.46 -9.96
N VAL B 335 26.59 -20.05 -9.56
CA VAL B 335 27.41 -20.88 -8.69
C VAL B 335 26.65 -21.24 -7.42
N ASN B 336 25.97 -20.26 -6.82
CA ASN B 336 25.33 -20.50 -5.54
C ASN B 336 24.14 -21.45 -5.68
N ALA B 337 23.25 -21.20 -6.64
CA ALA B 337 22.07 -22.05 -6.76
C ALA B 337 22.44 -23.45 -7.21
N VAL B 338 23.35 -23.57 -8.18
CA VAL B 338 23.72 -24.90 -8.64
C VAL B 338 24.53 -25.64 -7.59
N ASN B 339 25.25 -24.93 -6.71
CA ASN B 339 25.93 -25.58 -5.60
C ASN B 339 24.95 -26.30 -4.68
N VAL B 340 23.77 -25.72 -4.46
CA VAL B 340 22.75 -26.42 -3.67
C VAL B 340 22.40 -27.75 -4.35
N MET B 341 22.14 -27.71 -5.66
CA MET B 341 21.79 -28.94 -6.36
C MET B 341 22.94 -29.93 -6.36
N GLN B 342 24.16 -29.45 -6.57
CA GLN B 342 25.31 -30.36 -6.59
C GLN B 342 25.57 -30.97 -5.22
N GLY B 343 25.43 -30.17 -4.16
CA GLY B 343 25.58 -30.72 -2.82
C GLY B 343 24.53 -31.77 -2.52
N PHE B 344 23.29 -31.53 -2.98
CA PHE B 344 22.24 -32.52 -2.85
C PHE B 344 22.63 -33.83 -3.54
N GLU B 345 23.32 -33.72 -4.66
CA GLU B 345 23.74 -34.87 -5.45
C GLU B 345 25.08 -35.44 -4.99
N GLY B 346 25.64 -34.96 -3.89
CA GLY B 346 26.83 -35.57 -3.32
C GLY B 346 28.13 -34.86 -3.58
N LYS B 347 28.11 -33.67 -4.17
CA LYS B 347 29.36 -32.95 -4.44
C LYS B 347 29.92 -32.36 -3.16
N SER B 348 31.26 -32.34 -3.08
CA SER B 348 32.08 -31.85 -1.97
C SER B 348 32.05 -32.78 -0.75
C ACT C . -7.91 16.49 -1.84
O ACT C . -7.72 16.84 -3.02
OXT ACT C . -9.03 16.02 -1.56
CH3 ACT C . -6.83 16.59 -0.80
C1 EDO D . -5.69 12.98 -4.58
O1 EDO D . -6.29 11.72 -4.86
C2 EDO D . -5.99 13.36 -3.14
O2 EDO D . -7.40 13.59 -3.01
ZN ZN E . -10.18 16.54 -3.29
MG MG F . -7.86 26.69 -15.68
MG MG G . 14.11 -0.94 5.21
K K H . -16.29 15.41 -0.37
K K I . -20.29 10.21 12.92
C ACT J . 12.71 -12.95 -2.94
O ACT J . 13.79 -12.34 -3.03
OXT ACT J . 12.43 -13.47 -1.84
CH3 ACT J . 11.75 -13.02 -4.10
C1 EDO K . 11.38 -9.36 -2.37
O1 EDO K . 11.82 -10.29 -1.36
C2 EDO K . 12.26 -8.11 -2.33
O2 EDO K . 12.21 -7.55 -1.01
ZN ZN L . 14.45 -13.31 -0.93
MG MG M . -7.95 5.50 -11.50
K K N . 0.39 -25.01 7.82
K K O . 12.87 -17.87 4.01
#